data_2GZ2
#
_entry.id   2GZ2
#
_cell.length_a   60.389
_cell.length_b   100.214
_cell.length_c   64.370
_cell.angle_alpha   90.000
_cell.angle_beta   100.470
_cell.angle_gamma   90.000
#
_symmetry.space_group_name_H-M   'P 1 21 1'
#
loop_
_entity.id
_entity.type
_entity.pdbx_description
1 polymer 'Aspartate beta-semialdehyde dehydrogenase'
2 non-polymer "ADENOSINE-2'-5'-DIPHOSPHATE"
3 water water
#
_entity_poly.entity_id   1
_entity_poly.type   'polypeptide(L)'
_entity_poly.pdbx_seq_one_letter_code
;MGYTVAVVGATGAVGAQMIKMLEESTLPIDKIRYLASARSAGKSLKFKDQDITIEETTETAFEGVDIALFSAGSSTSAKY
APYAVKAGVVVVDNTSYFRQNPDVPLVVPEVNAHALDAHNGIIACPNCSTIQMMVALEPVRQKWGLDRIIVSTYQAVSGA
GMGAILETQRELREVLNDGVKPCDLHAEILPSGGDKKHYPIAFNALPQIDVFTDNDYTYEEMKMTKETKKIMEDDSIAVS
ATCVRIPVLSAHSESVYIETKEVAPIEEVKAAIAAFPGAVLEDDVAHQIYPQAINAVGSRDTFVGRIRKDLDAEKGIHMW
VVSDNLLKGAAWNSVQIAETLHERGLVRPTAELKFELKLEHHHHHH
;
_entity_poly.pdbx_strand_id   A,B
#
# COMPACT_ATOMS: atom_id res chain seq x y z
N GLY A 2 23.12 -16.42 35.75
CA GLY A 2 22.58 -16.29 34.37
C GLY A 2 21.36 -17.18 34.19
N TYR A 3 20.78 -17.13 33.01
CA TYR A 3 19.56 -17.86 32.71
C TYR A 3 19.81 -18.96 31.72
N THR A 4 18.96 -19.98 31.77
CA THR A 4 18.82 -20.94 30.68
C THR A 4 17.67 -20.45 29.78
N VAL A 5 17.98 -20.09 28.54
CA VAL A 5 16.98 -19.61 27.58
C VAL A 5 16.71 -20.64 26.48
N ALA A 6 15.45 -20.71 26.06
CA ALA A 6 15.01 -21.65 25.03
C ALA A 6 14.30 -20.90 23.92
N VAL A 7 14.68 -21.21 22.68
CA VAL A 7 13.98 -20.73 21.49
C VAL A 7 13.19 -21.92 20.94
N VAL A 8 11.86 -21.82 20.95
CA VAL A 8 10.97 -22.81 20.36
C VAL A 8 10.54 -22.28 19.00
N GLY A 9 10.89 -23.02 17.94
CA GLY A 9 10.74 -22.55 16.58
C GLY A 9 11.98 -21.83 16.06
N ALA A 10 13.15 -22.31 16.47
CA ALA A 10 14.43 -21.69 16.13
C ALA A 10 14.74 -21.66 14.63
N THR A 11 14.23 -22.64 13.89
CA THR A 11 14.56 -22.80 12.47
C THR A 11 13.78 -21.86 11.54
N GLY A 12 12.68 -21.31 12.04
CA GLY A 12 11.84 -20.43 11.24
C GLY A 12 12.40 -19.04 10.98
N ALA A 13 11.63 -18.25 10.23
CA ALA A 13 11.98 -16.87 9.89
C ALA A 13 12.15 -16.02 11.14
N VAL A 14 11.15 -16.08 12.02
CA VAL A 14 11.17 -15.30 13.25
C VAL A 14 12.20 -15.86 14.23
N GLY A 15 12.24 -17.19 14.38
CA GLY A 15 13.16 -17.85 15.29
C GLY A 15 14.62 -17.55 14.99
N ALA A 16 14.93 -17.38 13.71
CA ALA A 16 16.28 -17.05 13.25
C ALA A 16 16.64 -15.62 13.65
N GLN A 17 15.66 -14.71 13.58
CA GLN A 17 15.87 -13.35 14.08
C GLN A 17 15.92 -13.33 15.60
N MET A 18 15.27 -14.30 16.25
CA MET A 18 15.34 -14.41 17.70
C MET A 18 16.73 -14.80 18.16
N ILE A 19 17.39 -15.65 17.38
CA ILE A 19 18.77 -16.06 17.67
C ILE A 19 19.67 -14.85 17.50
N LYS A 20 19.56 -14.19 16.35
CA LYS A 20 20.36 -13.00 16.06
C LYS A 20 20.22 -11.93 17.15
N MET A 21 19.00 -11.74 17.67
CA MET A 21 18.74 -10.74 18.71
C MET A 21 19.25 -11.19 20.08
N LEU A 22 19.16 -12.49 20.38
CA LEU A 22 19.71 -13.05 21.60
C LEU A 22 21.25 -12.99 21.60
N GLU A 23 21.85 -13.22 20.44
CA GLU A 23 23.29 -13.09 20.27
C GLU A 23 23.73 -11.67 20.63
N GLU A 24 22.95 -10.67 20.22
CA GLU A 24 23.29 -9.26 20.43
C GLU A 24 22.74 -8.68 21.73
N SER A 25 22.12 -9.52 22.55
CA SER A 25 21.45 -9.13 23.80
C SER A 25 22.43 -8.88 24.96
N THR A 26 21.97 -8.10 25.92
CA THR A 26 22.67 -7.95 27.21
C THR A 26 22.24 -9.02 28.22
N LEU A 27 21.13 -9.70 27.95
CA LEU A 27 20.64 -10.81 28.78
C LEU A 27 21.77 -11.83 29.08
N PRO A 28 22.02 -12.12 30.36
CA PRO A 28 23.10 -13.04 30.75
C PRO A 28 22.63 -14.49 30.62
N ILE A 29 23.11 -15.18 29.59
CA ILE A 29 22.64 -16.53 29.30
C ILE A 29 23.75 -17.51 29.61
N ASP A 30 23.49 -18.41 30.56
CA ASP A 30 24.40 -19.50 30.89
C ASP A 30 24.29 -20.66 29.90
N LYS A 31 23.05 -20.96 29.49
CA LYS A 31 22.76 -22.08 28.59
C LYS A 31 21.72 -21.68 27.55
N ILE A 32 21.96 -22.02 26.29
CA ILE A 32 21.03 -21.76 25.20
C ILE A 32 20.53 -23.11 24.65
N ARG A 33 19.23 -23.21 24.42
CA ARG A 33 18.64 -24.38 23.77
C ARG A 33 17.80 -23.97 22.59
N TYR A 34 17.81 -24.76 21.53
CA TYR A 34 16.97 -24.52 20.38
C TYR A 34 15.98 -25.67 20.30
N LEU A 35 14.70 -25.32 20.17
CA LEU A 35 13.61 -26.30 20.11
C LEU A 35 12.85 -26.14 18.78
N ALA A 36 12.24 -27.23 18.33
CA ALA A 36 11.53 -27.26 17.05
C ALA A 36 10.69 -28.55 16.93
N SER A 37 10.14 -28.82 15.75
CA SER A 37 9.44 -30.09 15.52
C SER A 37 10.41 -31.26 15.38
N ALA A 38 9.88 -32.48 15.34
CA ALA A 38 10.70 -33.71 15.36
C ALA A 38 11.66 -33.87 14.17
N ARG A 39 11.32 -33.29 13.03
CA ARG A 39 12.18 -33.39 11.83
C ARG A 39 13.46 -32.54 11.96
N SER A 40 13.35 -31.38 12.63
CA SER A 40 14.51 -30.52 12.86
C SER A 40 15.47 -31.05 13.94
N ALA A 41 15.01 -31.98 14.78
CA ALA A 41 15.80 -32.46 15.91
C ALA A 41 17.00 -33.28 15.45
N GLY A 42 18.20 -32.81 15.77
CA GLY A 42 19.44 -33.46 15.39
C GLY A 42 20.37 -32.55 14.61
N LYS A 43 19.79 -31.72 13.74
CA LYS A 43 20.53 -30.68 13.02
C LYS A 43 21.26 -29.73 13.98
N SER A 44 22.31 -29.08 13.48
CA SER A 44 23.10 -28.13 14.24
C SER A 44 22.75 -26.71 13.80
N LEU A 45 23.00 -25.75 14.67
CA LEU A 45 22.69 -24.35 14.41
C LEU A 45 23.47 -23.47 15.38
N LYS A 46 24.05 -22.38 14.87
CA LYS A 46 24.99 -21.58 15.66
C LYS A 46 24.32 -20.69 16.72
N PHE A 47 24.96 -20.59 17.89
CA PHE A 47 24.78 -19.46 18.81
C PHE A 47 26.15 -18.81 19.00
N LYS A 48 26.32 -17.59 18.49
CA LYS A 48 27.63 -16.98 18.34
C LYS A 48 28.55 -17.95 17.57
N ASP A 49 29.58 -18.50 18.23
CA ASP A 49 30.50 -19.45 17.59
C ASP A 49 30.22 -20.91 17.97
N GLN A 50 29.50 -21.14 19.06
CA GLN A 50 29.16 -22.49 19.52
C GLN A 50 28.18 -23.19 18.58
N ASP A 51 28.23 -24.52 18.58
CA ASP A 51 27.24 -25.35 17.89
C ASP A 51 26.20 -25.81 18.90
N ILE A 52 24.93 -25.66 18.54
CA ILE A 52 23.82 -26.06 19.40
C ILE A 52 22.99 -27.12 18.69
N THR A 53 22.57 -28.13 19.46
CA THR A 53 21.73 -29.21 18.93
C THR A 53 20.28 -28.81 19.07
N ILE A 54 19.53 -28.98 17.99
CA ILE A 54 18.10 -28.69 17.98
C ILE A 54 17.36 -29.87 18.60
N GLU A 55 16.35 -29.58 19.40
CA GLU A 55 15.63 -30.59 20.16
C GLU A 55 14.15 -30.58 19.81
N GLU A 56 13.50 -31.73 19.99
CA GLU A 56 12.05 -31.81 19.79
C GLU A 56 11.36 -31.07 20.93
N THR A 57 10.29 -30.37 20.59
CA THR A 57 9.46 -29.70 21.58
C THR A 57 8.43 -30.71 22.09
N THR A 58 8.49 -31.02 23.39
CA THR A 58 7.50 -31.86 24.06
C THR A 58 7.03 -31.24 25.38
N GLU A 59 6.11 -31.93 26.04
CA GLU A 59 5.56 -31.55 27.35
C GLU A 59 6.61 -31.60 28.47
N THR A 60 7.68 -32.39 28.26
CA THR A 60 8.73 -32.59 29.26
C THR A 60 10.04 -31.84 28.95
N ALA A 61 10.04 -31.04 27.89
CA ALA A 61 11.29 -30.45 27.39
C ALA A 61 11.65 -29.12 28.02
N PHE A 62 10.97 -28.72 29.10
CA PHE A 62 11.15 -27.36 29.67
C PHE A 62 11.69 -27.33 31.11
N GLU A 63 12.08 -28.48 31.66
CA GLU A 63 12.66 -28.52 33.00
C GLU A 63 13.96 -27.71 33.01
N GLY A 64 14.10 -26.82 33.99
CA GLY A 64 15.32 -26.05 34.16
C GLY A 64 15.43 -24.85 33.27
N VAL A 65 14.34 -24.52 32.56
CA VAL A 65 14.32 -23.40 31.66
C VAL A 65 13.75 -22.19 32.41
N ASP A 66 14.47 -21.08 32.35
CA ASP A 66 14.06 -19.82 32.98
C ASP A 66 13.18 -18.99 32.05
N ILE A 67 13.62 -18.84 30.80
CA ILE A 67 12.87 -18.06 29.83
C ILE A 67 12.73 -18.84 28.54
N ALA A 68 11.51 -18.91 28.00
CA ALA A 68 11.28 -19.47 26.67
C ALA A 68 10.61 -18.48 25.72
N LEU A 69 11.30 -18.12 24.64
CA LEU A 69 10.71 -17.41 23.49
C LEU A 69 10.07 -18.40 22.50
N PHE A 70 8.76 -18.28 22.28
CA PHE A 70 8.04 -19.11 21.31
C PHE A 70 7.76 -18.32 20.03
N SER A 71 8.19 -18.85 18.90
CA SER A 71 7.59 -18.48 17.62
C SER A 71 7.46 -19.69 16.71
N ALA A 72 6.49 -20.53 17.04
CA ALA A 72 6.27 -21.77 16.32
C ALA A 72 4.81 -21.93 15.88
N GLY A 73 4.12 -20.82 15.67
CA GLY A 73 2.72 -20.86 15.29
C GLY A 73 1.82 -21.10 16.48
N SER A 74 0.59 -20.60 16.40
CA SER A 74 -0.30 -20.58 17.56
C SER A 74 -0.64 -21.98 18.09
N SER A 75 -0.50 -22.98 17.24
CA SER A 75 -0.74 -24.38 17.62
C SER A 75 0.30 -24.93 18.61
N THR A 76 1.58 -24.65 18.34
CA THR A 76 2.68 -25.10 19.18
C THR A 76 2.71 -24.37 20.54
N SER A 77 2.19 -23.15 20.59
CA SER A 77 2.07 -22.40 21.83
C SER A 77 0.88 -22.85 22.69
N ALA A 78 -0.24 -23.20 22.04
CA ALA A 78 -1.42 -23.64 22.78
C ALA A 78 -1.13 -24.95 23.49
N LYS A 79 -0.37 -25.82 22.83
CA LYS A 79 -0.06 -27.15 23.37
C LYS A 79 1.02 -27.11 24.44
N TYR A 80 2.12 -26.40 24.17
CA TYR A 80 3.33 -26.55 24.97
C TYR A 80 3.60 -25.45 25.99
N ALA A 81 3.09 -24.24 25.77
CA ALA A 81 3.38 -23.12 26.66
C ALA A 81 2.88 -23.30 28.10
N PRO A 82 1.68 -23.84 28.29
CA PRO A 82 1.19 -24.10 29.65
C PRO A 82 2.06 -25.11 30.41
N TYR A 83 2.63 -26.08 29.71
CA TYR A 83 3.56 -27.02 30.33
C TYR A 83 4.84 -26.31 30.76
N ALA A 84 5.33 -25.38 29.95
CA ALA A 84 6.50 -24.58 30.31
C ALA A 84 6.25 -23.77 31.58
N VAL A 85 5.06 -23.17 31.67
CA VAL A 85 4.66 -22.42 32.86
C VAL A 85 4.64 -23.33 34.11
N LYS A 86 4.13 -24.56 33.94
CA LYS A 86 4.05 -25.55 35.03
C LYS A 86 5.44 -25.94 35.51
N ALA A 87 6.41 -25.86 34.60
CA ALA A 87 7.80 -26.18 34.88
C ALA A 87 8.58 -25.04 35.53
N GLY A 88 7.99 -23.84 35.57
CA GLY A 88 8.61 -22.68 36.20
C GLY A 88 9.28 -21.71 35.24
N VAL A 89 8.85 -21.74 33.98
CA VAL A 89 9.37 -20.86 32.92
C VAL A 89 8.54 -19.57 32.86
N VAL A 90 9.17 -18.46 32.44
CA VAL A 90 8.44 -17.30 31.95
C VAL A 90 8.45 -17.40 30.43
N VAL A 91 7.27 -17.55 29.84
CA VAL A 91 7.12 -17.63 28.39
C VAL A 91 6.81 -16.26 27.80
N VAL A 92 7.56 -15.90 26.78
CA VAL A 92 7.24 -14.77 25.93
C VAL A 92 6.78 -15.37 24.59
N ASP A 93 5.49 -15.24 24.31
CA ASP A 93 4.86 -15.83 23.12
C ASP A 93 4.70 -14.82 21.99
N ASN A 94 5.22 -15.16 20.82
CA ASN A 94 5.12 -14.32 19.62
C ASN A 94 3.88 -14.60 18.76
N THR A 95 3.08 -15.60 19.14
CA THR A 95 1.86 -15.97 18.42
C THR A 95 0.61 -15.29 19.02
N SER A 96 -0.52 -15.50 18.33
CA SER A 96 -1.77 -14.79 18.64
C SER A 96 -2.65 -15.48 19.67
N TYR A 97 -2.31 -16.70 20.07
CA TYR A 97 -3.21 -17.56 20.85
C TYR A 97 -3.62 -16.97 22.20
N PHE A 98 -2.63 -16.53 22.97
CA PHE A 98 -2.84 -16.03 24.32
C PHE A 98 -3.06 -14.51 24.41
N ARG A 99 -3.08 -13.82 23.26
CA ARG A 99 -3.12 -12.35 23.22
C ARG A 99 -4.36 -11.70 23.84
N GLN A 100 -5.51 -12.37 23.79
CA GLN A 100 -6.75 -11.77 24.28
C GLN A 100 -7.22 -12.42 25.57
N ASN A 101 -6.29 -13.08 26.25
CA ASN A 101 -6.53 -13.63 27.58
C ASN A 101 -6.33 -12.48 28.58
N PRO A 102 -7.30 -12.25 29.48
CA PRO A 102 -7.12 -11.20 30.49
C PRO A 102 -6.01 -11.54 31.53
N ASP A 103 -5.62 -12.80 31.63
CA ASP A 103 -4.50 -13.21 32.49
C ASP A 103 -3.11 -13.06 31.82
N VAL A 104 -3.07 -12.59 30.57
CA VAL A 104 -1.82 -12.46 29.81
C VAL A 104 -1.60 -11.00 29.37
N PRO A 105 -0.57 -10.34 29.91
CA PRO A 105 -0.18 -9.01 29.42
C PRO A 105 0.28 -9.04 27.97
N LEU A 106 -0.19 -8.08 27.18
CA LEU A 106 0.14 -7.96 25.77
C LEU A 106 0.97 -6.69 25.62
N VAL A 107 2.26 -6.83 25.30
CA VAL A 107 3.23 -5.80 25.67
C VAL A 107 4.16 -5.31 24.57
N VAL A 108 4.24 -3.98 24.47
CA VAL A 108 5.30 -3.27 23.77
C VAL A 108 6.04 -2.49 24.85
N PRO A 109 7.28 -2.86 25.19
CA PRO A 109 8.02 -2.27 26.32
C PRO A 109 8.00 -0.76 26.50
N GLU A 110 7.94 0.00 25.42
CA GLU A 110 7.98 1.45 25.48
C GLU A 110 6.62 2.04 25.85
N VAL A 111 5.58 1.23 25.74
CA VAL A 111 4.21 1.70 25.88
C VAL A 111 3.56 1.21 27.18
N ASN A 112 3.61 -0.08 27.41
CA ASN A 112 2.91 -0.66 28.55
C ASN A 112 3.77 -1.64 29.35
N ALA A 113 5.03 -1.27 29.58
CA ALA A 113 5.95 -2.09 30.40
C ALA A 113 5.33 -2.50 31.75
N HIS A 114 4.59 -1.58 32.37
CA HIS A 114 3.94 -1.80 33.67
C HIS A 114 3.02 -3.03 33.76
N ALA A 115 2.43 -3.43 32.65
CA ALA A 115 1.54 -4.60 32.58
C ALA A 115 2.26 -5.90 32.88
N LEU A 116 3.56 -5.92 32.61
CA LEU A 116 4.43 -7.06 32.94
C LEU A 116 4.43 -7.46 34.42
N ASP A 117 4.25 -6.49 35.32
CA ASP A 117 4.37 -6.73 36.77
C ASP A 117 3.41 -7.80 37.29
N ALA A 118 2.22 -7.90 36.72
CA ALA A 118 1.20 -8.85 37.18
C ALA A 118 1.05 -10.07 36.26
N HIS A 119 2.13 -10.46 35.58
CA HIS A 119 2.08 -11.62 34.70
C HIS A 119 1.98 -12.93 35.47
N ASN A 120 1.28 -13.89 34.85
CA ASN A 120 1.05 -15.20 35.41
C ASN A 120 1.78 -16.30 34.62
N GLY A 121 2.92 -15.94 34.01
CA GLY A 121 3.79 -16.90 33.37
C GLY A 121 3.88 -16.76 31.85
N ILE A 122 2.89 -16.14 31.23
CA ILE A 122 2.92 -15.87 29.80
C ILE A 122 2.81 -14.37 29.48
N ILE A 123 3.71 -13.92 28.62
CA ILE A 123 3.70 -12.55 28.11
C ILE A 123 3.50 -12.63 26.60
N ALA A 124 2.43 -12.02 26.08
CA ALA A 124 2.19 -12.01 24.64
C ALA A 124 2.88 -10.85 23.93
N CYS A 125 3.60 -11.19 22.86
CA CYS A 125 4.11 -10.21 21.93
C CYS A 125 2.99 -9.87 20.92
N PRO A 126 2.65 -8.60 20.73
CA PRO A 126 1.59 -8.22 19.78
C PRO A 126 1.93 -8.51 18.32
N ASN A 127 0.95 -8.27 17.44
CA ASN A 127 1.13 -8.47 16.01
C ASN A 127 2.07 -7.41 15.46
N CYS A 128 2.93 -7.80 14.54
CA CYS A 128 3.94 -6.89 14.00
C CYS A 128 3.38 -5.54 13.51
N SER A 129 2.29 -5.58 12.75
CA SER A 129 1.68 -4.37 12.26
C SER A 129 1.18 -3.47 13.40
N THR A 130 0.69 -4.08 14.47
CA THR A 130 0.27 -3.32 15.63
C THR A 130 1.44 -2.65 16.34
N ILE A 131 2.55 -3.37 16.50
CA ILE A 131 3.64 -2.90 17.34
C ILE A 131 4.21 -1.57 16.85
N GLN A 132 4.56 -1.51 15.56
CA GLN A 132 5.17 -0.30 15.04
C GLN A 132 4.21 0.89 15.17
N MET A 133 2.91 0.63 15.01
CA MET A 133 1.89 1.69 15.09
C MET A 133 1.84 2.24 16.50
N MET A 134 1.91 1.33 17.47
CA MET A 134 1.88 1.68 18.90
C MET A 134 3.12 2.51 19.29
N VAL A 135 4.26 2.22 18.70
CA VAL A 135 5.46 3.00 18.97
C VAL A 135 5.29 4.42 18.45
N ALA A 136 4.76 4.54 17.24
CA ALA A 136 4.59 5.82 16.59
C ALA A 136 3.51 6.66 17.25
N LEU A 137 2.47 6.02 17.79
CA LEU A 137 1.29 6.74 18.26
C LEU A 137 1.25 7.03 19.76
N GLU A 138 1.91 6.20 20.57
CA GLU A 138 1.94 6.40 22.01
C GLU A 138 2.36 7.80 22.46
N PRO A 139 3.47 8.35 21.93
CA PRO A 139 3.88 9.71 22.29
C PRO A 139 2.85 10.80 21.96
N VAL A 140 2.06 10.59 20.90
CA VAL A 140 0.94 11.50 20.57
C VAL A 140 -0.22 11.33 21.57
N ARG A 141 -0.63 10.10 21.80
CA ARG A 141 -1.67 9.81 22.79
C ARG A 141 -1.37 10.49 24.15
N GLN A 142 -0.11 10.43 24.58
CA GLN A 142 0.28 10.97 25.89
C GLN A 142 0.02 12.47 26.01
N LYS A 143 0.22 13.22 24.93
CA LYS A 143 0.16 14.69 24.98
C LYS A 143 -1.19 15.30 24.54
N TRP A 144 -1.94 14.55 23.73
CA TRP A 144 -3.09 15.11 23.02
C TRP A 144 -4.28 14.15 22.89
N GLY A 145 -4.09 12.88 23.27
CA GLY A 145 -5.16 11.88 23.25
C GLY A 145 -5.34 11.27 21.88
N LEU A 146 -6.11 10.18 21.82
CA LEU A 146 -6.46 9.52 20.56
C LEU A 146 -7.95 9.20 20.55
N ASP A 147 -8.63 9.76 19.54
CA ASP A 147 -10.04 9.55 19.33
C ASP A 147 -10.26 8.37 18.37
N ARG A 148 -9.59 8.41 17.22
CA ARG A 148 -9.66 7.31 16.27
C ARG A 148 -8.39 7.10 15.43
N ILE A 149 -8.22 5.86 14.98
CA ILE A 149 -7.19 5.48 14.04
C ILE A 149 -7.88 4.83 12.85
N ILE A 150 -7.47 5.22 11.64
CA ILE A 150 -7.74 4.45 10.44
C ILE A 150 -6.39 4.16 9.85
N VAL A 151 -6.12 2.90 9.53
CA VAL A 151 -4.81 2.51 9.00
C VAL A 151 -4.91 1.55 7.83
N SER A 152 -4.08 1.79 6.82
CA SER A 152 -3.91 0.90 5.68
C SER A 152 -2.48 0.42 5.67
N THR A 153 -2.26 -0.88 5.54
CA THR A 153 -0.91 -1.43 5.70
C THR A 153 -0.34 -1.92 4.38
N TYR A 154 0.98 -1.86 4.31
CA TYR A 154 1.78 -2.30 3.18
C TYR A 154 2.77 -3.32 3.75
N GLN A 155 2.33 -4.56 3.89
CA GLN A 155 3.04 -5.54 4.70
C GLN A 155 3.90 -6.45 3.84
N ALA A 156 5.10 -6.70 4.34
CA ALA A 156 6.07 -7.57 3.70
C ALA A 156 5.71 -9.05 3.86
N VAL A 157 6.32 -9.90 3.04
CA VAL A 157 5.96 -11.32 3.00
C VAL A 157 6.66 -12.16 4.05
N SER A 158 7.75 -11.67 4.65
CA SER A 158 8.45 -12.45 5.68
C SER A 158 7.55 -12.80 6.86
N GLY A 159 6.56 -11.94 7.14
CA GLY A 159 5.57 -12.21 8.17
C GLY A 159 4.82 -13.52 7.96
N ALA A 160 4.70 -13.95 6.69
CA ALA A 160 3.99 -15.17 6.36
C ALA A 160 4.87 -16.42 6.44
N GLY A 161 6.15 -16.24 6.74
CA GLY A 161 7.06 -17.33 7.02
C GLY A 161 8.09 -17.51 5.91
N MET A 162 9.03 -18.40 6.16
CA MET A 162 10.12 -18.69 5.23
C MET A 162 9.63 -19.06 3.84
N GLY A 163 8.55 -19.84 3.80
CA GLY A 163 7.97 -20.33 2.55
C GLY A 163 7.43 -19.21 1.70
N ALA A 164 6.84 -18.20 2.34
CA ALA A 164 6.31 -17.04 1.62
C ALA A 164 7.42 -16.27 0.93
N ILE A 165 8.57 -16.13 1.60
CA ILE A 165 9.69 -15.42 1.02
C ILE A 165 10.10 -16.11 -0.25
N LEU A 166 10.25 -17.43 -0.18
CA LEU A 166 10.72 -18.23 -1.31
C LEU A 166 9.71 -18.19 -2.45
N GLU A 167 8.41 -18.17 -2.11
CA GLU A 167 7.35 -18.14 -3.10
C GLU A 167 7.40 -16.84 -3.89
N THR A 168 7.52 -15.73 -3.16
CA THR A 168 7.61 -14.39 -3.73
C THR A 168 8.80 -14.26 -4.68
N GLN A 169 9.98 -14.70 -4.23
CA GLN A 169 11.22 -14.60 -5.00
C GLN A 169 11.17 -15.41 -6.29
N ARG A 170 10.55 -16.58 -6.22
CA ARG A 170 10.42 -17.48 -7.33
C ARG A 170 9.36 -16.98 -8.33
N GLU A 171 8.31 -16.35 -7.83
CA GLU A 171 7.30 -15.76 -8.69
C GLU A 171 7.95 -14.60 -9.46
N LEU A 172 8.72 -13.78 -8.78
CA LEU A 172 9.38 -12.64 -9.44
C LEU A 172 10.37 -13.12 -10.51
N ARG A 173 11.07 -14.21 -10.25
CA ARG A 173 12.05 -14.75 -11.22
C ARG A 173 11.37 -15.40 -12.42
N GLU A 174 10.20 -16.00 -12.21
CA GLU A 174 9.42 -16.59 -13.30
C GLU A 174 8.87 -15.53 -14.25
N VAL A 175 8.50 -14.36 -13.72
CA VAL A 175 8.00 -13.27 -14.55
C VAL A 175 9.17 -12.62 -15.29
N LEU A 176 10.26 -12.39 -14.58
CA LEU A 176 11.38 -11.61 -15.09
C LEU A 176 12.35 -12.38 -15.98
N ASN A 177 12.50 -13.67 -15.74
CA ASN A 177 13.48 -14.49 -16.46
C ASN A 177 12.80 -15.38 -17.51
N ASP A 178 11.71 -16.01 -17.12
CA ASP A 178 10.99 -16.96 -17.99
C ASP A 178 9.79 -16.34 -18.71
N GLY A 179 9.47 -15.09 -18.40
CA GLY A 179 8.46 -14.34 -19.13
C GLY A 179 7.04 -14.81 -18.90
N VAL A 180 6.73 -15.21 -17.67
CA VAL A 180 5.40 -15.70 -17.32
C VAL A 180 4.49 -14.53 -16.90
N LYS A 181 3.29 -14.48 -17.47
CA LYS A 181 2.30 -13.49 -17.06
C LYS A 181 2.04 -13.68 -15.57
N PRO A 182 2.04 -12.60 -14.79
CA PRO A 182 1.67 -12.65 -13.37
C PRO A 182 0.31 -13.29 -13.00
N CYS A 183 -0.72 -13.09 -13.81
CA CYS A 183 -2.01 -13.74 -13.57
C CYS A 183 -1.98 -15.25 -13.94
N ASP A 184 -0.90 -15.70 -14.56
CA ASP A 184 -0.69 -17.14 -14.81
C ASP A 184 0.19 -17.85 -13.77
N LEU A 185 0.80 -17.11 -12.84
CA LEU A 185 1.61 -17.74 -11.78
C LEU A 185 0.79 -18.66 -10.88
N HIS A 186 1.43 -19.74 -10.43
CA HIS A 186 0.85 -20.67 -9.46
C HIS A 186 1.36 -20.28 -8.06
N ALA A 187 0.45 -20.23 -7.08
CA ALA A 187 0.82 -19.92 -5.70
C ALA A 187 0.31 -21.01 -4.76
N GLU A 188 1.03 -21.21 -3.66
CA GLU A 188 0.75 -22.25 -2.68
C GLU A 188 0.46 -21.74 -1.28
N ILE A 189 0.85 -20.50 -0.99
CA ILE A 189 0.85 -20.00 0.38
C ILE A 189 0.02 -18.71 0.51
N LEU A 190 0.50 -17.64 -0.12
CA LEU A 190 -0.14 -16.33 0.02
C LEU A 190 -1.50 -16.38 -0.69
N PRO A 191 -2.46 -15.57 -0.26
CA PRO A 191 -2.33 -14.62 0.85
C PRO A 191 -2.28 -15.22 2.26
N SER A 192 -2.61 -16.49 2.42
CA SER A 192 -2.79 -17.08 3.75
C SER A 192 -2.74 -18.60 3.66
N GLY A 193 -1.69 -19.18 4.24
CA GLY A 193 -1.46 -20.63 4.18
C GLY A 193 -2.63 -21.46 4.64
N GLY A 194 -3.40 -20.95 5.61
CA GLY A 194 -4.51 -21.69 6.19
C GLY A 194 -5.83 -21.56 5.44
N ASP A 195 -5.87 -20.74 4.39
CA ASP A 195 -7.11 -20.51 3.65
C ASP A 195 -7.24 -21.44 2.45
N LYS A 196 -8.42 -21.43 1.82
CA LYS A 196 -8.75 -22.39 0.78
C LYS A 196 -8.00 -22.09 -0.52
N LYS A 197 -8.03 -20.82 -0.96
CA LYS A 197 -7.46 -20.45 -2.26
C LYS A 197 -6.21 -19.60 -2.08
N HIS A 198 -5.35 -19.58 -3.10
CA HIS A 198 -4.05 -18.93 -3.04
C HIS A 198 -3.77 -18.14 -4.32
N TYR A 199 -3.19 -16.95 -4.16
CA TYR A 199 -2.92 -16.04 -5.28
C TYR A 199 -1.44 -15.63 -5.33
N PRO A 200 -0.95 -15.26 -6.51
CA PRO A 200 0.38 -14.64 -6.63
C PRO A 200 0.50 -13.26 -5.95
N ILE A 201 1.69 -12.95 -5.43
CA ILE A 201 2.01 -11.63 -4.86
C ILE A 201 2.94 -10.81 -5.76
N ALA A 202 3.64 -11.48 -6.68
CA ALA A 202 4.54 -10.79 -7.60
C ALA A 202 3.77 -9.75 -8.44
N PHE A 203 4.20 -8.50 -8.40
CA PHE A 203 3.56 -7.38 -9.12
C PHE A 203 2.07 -7.20 -8.78
N ASN A 204 1.74 -7.48 -7.54
CA ASN A 204 0.37 -7.53 -7.05
C ASN A 204 0.27 -6.90 -5.68
N ALA A 205 -0.96 -6.62 -5.25
CA ALA A 205 -1.25 -6.14 -3.91
C ALA A 205 -2.48 -6.89 -3.44
N LEU A 206 -2.30 -7.78 -2.47
CA LEU A 206 -3.39 -8.65 -2.03
C LEU A 206 -4.03 -8.12 -0.76
N PRO A 207 -5.30 -7.72 -0.82
CA PRO A 207 -5.99 -7.19 0.36
C PRO A 207 -6.56 -8.28 1.30
N GLN A 208 -5.76 -9.32 1.52
CA GLN A 208 -6.03 -10.30 2.56
C GLN A 208 -4.75 -10.64 3.29
N ILE A 209 -4.80 -10.50 4.62
CA ILE A 209 -3.82 -11.06 5.52
C ILE A 209 -4.60 -11.81 6.61
N ASP A 210 -4.23 -13.07 6.80
CA ASP A 210 -4.97 -13.99 7.66
C ASP A 210 -6.30 -14.35 6.98
N VAL A 211 -7.22 -14.94 7.73
CA VAL A 211 -8.51 -15.34 7.15
C VAL A 211 -9.56 -14.35 7.54
N PHE A 212 -10.76 -14.51 6.98
CA PHE A 212 -11.87 -13.59 7.19
C PHE A 212 -12.67 -13.94 8.43
N THR A 213 -13.12 -12.91 9.14
CA THR A 213 -14.05 -13.06 10.25
C THR A 213 -15.45 -12.74 9.78
N ASP A 214 -16.40 -12.98 10.68
CA ASP A 214 -17.83 -12.76 10.44
C ASP A 214 -18.23 -11.35 10.03
N ASN A 215 -17.45 -10.34 10.42
CA ASN A 215 -17.80 -8.96 10.09
C ASN A 215 -17.11 -8.47 8.81
N ASP A 216 -16.57 -9.39 8.02
CA ASP A 216 -15.90 -9.12 6.72
C ASP A 216 -14.55 -8.40 6.75
N TYR A 217 -14.07 -8.06 7.94
CA TYR A 217 -12.66 -7.70 8.13
C TYR A 217 -11.89 -9.01 8.35
N THR A 218 -10.62 -9.06 7.97
CA THR A 218 -9.78 -10.21 8.26
C THR A 218 -9.29 -10.21 9.70
N TYR A 219 -8.73 -11.32 10.12
CA TYR A 219 -8.25 -11.48 11.49
C TYR A 219 -7.10 -10.53 11.79
N GLU A 220 -6.35 -10.13 10.77
CA GLU A 220 -5.24 -9.20 10.93
C GLU A 220 -5.76 -7.81 11.29
N GLU A 221 -6.71 -7.34 10.49
CA GLU A 221 -7.33 -6.05 10.72
C GLU A 221 -7.99 -6.02 12.11
N MET A 222 -8.66 -7.10 12.50
CA MET A 222 -9.37 -7.13 13.77
C MET A 222 -8.36 -7.26 14.93
N LYS A 223 -7.19 -7.86 14.68
CA LYS A 223 -6.14 -7.92 15.69
C LYS A 223 -5.57 -6.51 15.90
N MET A 224 -5.50 -5.72 14.83
CA MET A 224 -4.99 -4.35 14.96
C MET A 224 -5.94 -3.54 15.85
N THR A 225 -7.23 -3.77 15.66
CA THR A 225 -8.28 -3.10 16.40
C THR A 225 -8.24 -3.46 17.88
N LYS A 226 -8.40 -4.74 18.20
CA LYS A 226 -8.46 -5.20 19.59
C LYS A 226 -7.12 -5.09 20.33
N GLU A 227 -6.01 -5.32 19.65
CA GLU A 227 -4.69 -5.27 20.31
C GLU A 227 -4.30 -3.83 20.68
N THR A 228 -4.67 -2.88 19.83
CA THR A 228 -4.52 -1.46 20.16
C THR A 228 -5.27 -1.12 21.45
N LYS A 229 -6.51 -1.58 21.57
CA LYS A 229 -7.31 -1.24 22.74
C LYS A 229 -6.72 -1.81 24.02
N LYS A 230 -6.15 -3.01 23.94
CA LYS A 230 -5.51 -3.69 25.07
C LYS A 230 -4.15 -3.07 25.46
N ILE A 231 -3.30 -2.78 24.47
CA ILE A 231 -1.98 -2.22 24.71
C ILE A 231 -2.09 -0.82 25.31
N MET A 232 -2.95 0.01 24.73
CA MET A 232 -3.14 1.38 25.19
C MET A 232 -4.18 1.45 26.33
N GLU A 233 -4.74 0.30 26.69
CA GLU A 233 -5.67 0.17 27.84
C GLU A 233 -6.84 1.15 27.75
N ASP A 234 -7.37 1.30 26.53
CA ASP A 234 -8.50 2.17 26.26
C ASP A 234 -9.42 1.61 25.17
N ASP A 235 -10.55 1.05 25.61
CA ASP A 235 -11.52 0.41 24.72
C ASP A 235 -12.33 1.41 23.91
N SER A 236 -12.21 2.69 24.23
CA SER A 236 -12.95 3.76 23.56
C SER A 236 -12.23 4.29 22.31
N ILE A 237 -10.99 3.88 22.06
CA ILE A 237 -10.28 4.26 20.83
C ILE A 237 -10.86 3.48 19.63
N ALA A 238 -11.50 4.20 18.72
CA ALA A 238 -11.98 3.64 17.45
C ALA A 238 -10.82 3.25 16.52
N VAL A 239 -10.71 1.98 16.15
CA VAL A 239 -9.67 1.55 15.21
C VAL A 239 -10.29 0.72 14.08
N SER A 240 -10.07 1.15 12.83
CA SER A 240 -10.42 0.37 11.65
C SER A 240 -9.26 0.32 10.68
N ALA A 241 -9.00 -0.87 10.16
CA ALA A 241 -7.81 -1.13 9.36
C ALA A 241 -8.11 -1.93 8.09
N THR A 242 -7.28 -1.68 7.07
CA THR A 242 -7.22 -2.47 5.86
C THR A 242 -5.81 -3.02 5.78
N CYS A 243 -5.67 -4.33 5.70
CA CYS A 243 -4.34 -4.93 5.72
C CYS A 243 -4.02 -5.59 4.40
N VAL A 244 -2.97 -5.08 3.75
CA VAL A 244 -2.60 -5.47 2.39
C VAL A 244 -1.15 -5.97 2.32
N ARG A 245 -0.97 -7.13 1.68
CA ARG A 245 0.36 -7.64 1.36
C ARG A 245 0.87 -7.06 0.03
N ILE A 246 2.17 -6.79 -0.02
CA ILE A 246 2.82 -6.24 -1.21
C ILE A 246 4.16 -6.91 -1.44
N PRO A 247 4.74 -6.76 -2.65
CA PRO A 247 5.97 -7.47 -3.00
C PRO A 247 7.24 -6.90 -2.33
N VAL A 248 7.25 -7.03 -1.00
CA VAL A 248 8.38 -6.64 -0.17
C VAL A 248 8.73 -7.83 0.71
N LEU A 249 10.02 -8.16 0.77
CA LEU A 249 10.48 -9.27 1.59
C LEU A 249 10.46 -8.91 3.06
N SER A 250 11.06 -7.77 3.40
CA SER A 250 11.18 -7.36 4.79
C SER A 250 10.85 -5.88 5.00
N ALA A 251 10.16 -5.60 6.11
CA ALA A 251 9.72 -4.27 6.55
C ALA A 251 8.28 -3.94 6.13
N HIS A 252 7.41 -3.81 7.13
CA HIS A 252 6.05 -3.31 6.96
C HIS A 252 6.04 -1.79 6.92
N SER A 253 5.22 -1.23 6.02
CA SER A 253 4.93 0.20 5.99
C SER A 253 3.46 0.39 6.27
N GLU A 254 3.09 1.54 6.82
CA GLU A 254 1.70 1.82 7.21
C GLU A 254 1.34 3.28 6.99
N SER A 255 0.28 3.53 6.23
CA SER A 255 -0.32 4.86 6.15
C SER A 255 -1.32 5.04 7.30
N VAL A 256 -1.05 5.96 8.21
CA VAL A 256 -1.79 6.08 9.45
C VAL A 256 -2.52 7.40 9.53
N TYR A 257 -3.81 7.33 9.88
CA TYR A 257 -4.62 8.53 10.07
C TYR A 257 -5.16 8.51 11.47
N ILE A 258 -5.02 9.63 12.18
CA ILE A 258 -5.58 9.72 13.51
C ILE A 258 -6.34 11.00 13.66
N GLU A 259 -7.29 10.99 14.60
CA GLU A 259 -7.82 12.21 15.15
C GLU A 259 -7.52 12.16 16.63
N THR A 260 -6.91 13.23 17.11
CA THR A 260 -6.60 13.42 18.53
C THR A 260 -7.79 14.00 19.27
N LYS A 261 -7.70 13.95 20.60
CA LYS A 261 -8.74 14.50 21.47
C LYS A 261 -8.64 16.03 21.50
N GLU A 262 -7.41 16.53 21.38
CA GLU A 262 -7.11 17.97 21.33
C GLU A 262 -6.20 18.25 20.13
N VAL A 263 -6.26 19.46 19.59
CA VAL A 263 -5.41 19.80 18.44
C VAL A 263 -3.94 19.74 18.84
N ALA A 264 -3.14 19.15 17.96
CA ALA A 264 -1.74 18.84 18.21
C ALA A 264 -0.88 19.50 17.14
N PRO A 265 -0.23 20.62 17.45
CA PRO A 265 0.66 21.28 16.50
C PRO A 265 1.64 20.30 15.86
N ILE A 266 1.71 20.30 14.53
CA ILE A 266 2.54 19.34 13.79
C ILE A 266 4.02 19.34 14.23
N GLU A 267 4.58 20.50 14.53
CA GLU A 267 5.99 20.53 14.89
C GLU A 267 6.19 19.95 16.30
N GLU A 268 5.23 20.15 17.19
CA GLU A 268 5.25 19.50 18.50
C GLU A 268 5.07 17.97 18.38
N VAL A 269 4.33 17.53 17.36
CA VAL A 269 4.10 16.11 17.12
C VAL A 269 5.40 15.48 16.62
N LYS A 270 6.04 16.10 15.64
CA LYS A 270 7.36 15.69 15.17
C LYS A 270 8.36 15.53 16.33
N ALA A 271 8.45 16.56 17.15
CA ALA A 271 9.31 16.58 18.33
C ALA A 271 8.98 15.49 19.34
N ALA A 272 7.69 15.21 19.51
CA ALA A 272 7.24 14.27 20.51
C ALA A 272 7.61 12.85 20.06
N ILE A 273 7.47 12.59 18.77
CA ILE A 273 7.80 11.28 18.19
C ILE A 273 9.30 11.04 18.21
N ALA A 274 10.07 12.10 17.94
CA ALA A 274 11.52 12.03 17.95
C ALA A 274 12.05 11.77 19.38
N ALA A 275 11.42 12.36 20.38
CA ALA A 275 11.85 12.20 21.78
C ALA A 275 11.48 10.85 22.41
N PHE A 276 10.71 10.03 21.69
CA PHE A 276 10.15 8.80 22.25
C PHE A 276 11.10 7.63 21.95
N PRO A 277 11.45 6.84 22.97
CA PRO A 277 12.32 5.68 22.79
C PRO A 277 11.79 4.66 21.77
N GLY A 278 12.62 4.30 20.80
CA GLY A 278 12.29 3.27 19.83
C GLY A 278 11.66 3.82 18.56
N ALA A 279 11.36 5.12 18.56
CA ALA A 279 10.85 5.83 17.41
C ALA A 279 11.89 6.85 16.92
N VAL A 280 12.02 6.98 15.61
CA VAL A 280 12.98 7.91 15.01
C VAL A 280 12.23 8.72 13.99
N LEU A 281 12.32 10.04 14.11
CA LEU A 281 11.76 10.93 13.12
C LEU A 281 12.63 10.97 11.86
N GLU A 282 12.06 10.57 10.73
CA GLU A 282 12.67 10.72 9.41
C GLU A 282 11.69 11.52 8.54
N ASP A 283 11.73 12.84 8.71
CA ASP A 283 10.76 13.76 8.13
C ASP A 283 11.45 15.08 7.79
N ASP A 284 11.73 15.25 6.51
CA ASP A 284 12.35 16.44 5.96
C ASP A 284 12.03 16.40 4.47
N VAL A 285 10.80 16.77 4.12
CA VAL A 285 10.31 16.62 2.74
C VAL A 285 11.08 17.43 1.69
N ALA A 286 11.75 18.51 2.12
CA ALA A 286 12.55 19.37 1.25
C ALA A 286 13.78 18.67 0.65
N HIS A 287 14.27 17.67 1.37
CA HIS A 287 15.36 16.82 0.88
C HIS A 287 14.86 15.38 0.61
N GLN A 288 13.55 15.26 0.39
CA GLN A 288 12.87 13.98 0.15
C GLN A 288 13.24 12.92 1.17
N ILE A 289 13.13 13.27 2.45
CA ILE A 289 13.40 12.33 3.54
C ILE A 289 12.07 11.87 4.19
N TYR A 290 11.84 10.58 4.11
CA TYR A 290 10.71 9.90 4.74
C TYR A 290 11.17 8.47 5.01
N PRO A 291 10.46 7.73 5.88
CA PRO A 291 10.79 6.32 6.09
C PRO A 291 10.63 5.48 4.83
N GLN A 292 11.57 4.56 4.61
CA GLN A 292 11.55 3.62 3.50
C GLN A 292 11.86 2.20 4.01
N ALA A 293 11.10 1.23 3.50
CA ALA A 293 11.18 -0.16 3.93
C ALA A 293 12.61 -0.72 3.83
N ILE A 294 13.28 -0.46 2.71
CA ILE A 294 14.63 -0.98 2.47
C ILE A 294 15.67 -0.40 3.43
N ASN A 295 15.54 0.86 3.80
CA ASN A 295 16.43 1.46 4.78
C ASN A 295 16.16 0.97 6.22
N ALA A 296 14.94 0.53 6.50
CA ALA A 296 14.57 0.06 7.84
C ALA A 296 15.06 -1.35 8.14
N VAL A 297 15.39 -2.10 7.08
CA VAL A 297 15.81 -3.50 7.22
C VAL A 297 17.10 -3.59 8.04
N GLY A 298 17.03 -4.28 9.17
CA GLY A 298 18.20 -4.53 9.99
C GLY A 298 18.26 -3.68 11.23
N SER A 299 17.30 -2.77 11.37
CA SER A 299 17.24 -1.81 12.48
C SER A 299 16.08 -2.14 13.41
N ARG A 300 16.27 -1.84 14.70
CA ARG A 300 15.27 -2.08 15.74
C ARG A 300 14.27 -0.93 15.88
N ASP A 301 14.63 0.23 15.34
CA ASP A 301 13.79 1.42 15.48
C ASP A 301 12.55 1.36 14.59
N THR A 302 11.61 2.23 14.90
CA THR A 302 10.40 2.45 14.13
C THR A 302 10.55 3.85 13.56
N PHE A 303 10.44 3.97 12.25
CA PHE A 303 10.75 5.23 11.57
C PHE A 303 9.46 5.90 11.13
N VAL A 304 9.32 7.18 11.46
CA VAL A 304 8.08 7.92 11.20
C VAL A 304 8.35 9.22 10.46
N GLY A 305 7.53 9.48 9.44
CA GLY A 305 7.58 10.72 8.68
C GLY A 305 6.27 10.96 7.95
N ARG A 306 6.34 11.77 6.89
CA ARG A 306 5.15 12.25 6.18
C ARG A 306 4.08 12.85 7.13
N ILE A 307 4.51 13.30 8.32
CA ILE A 307 3.59 13.88 9.28
C ILE A 307 3.06 15.18 8.70
N ARG A 308 1.73 15.25 8.60
CA ARG A 308 1.03 16.45 8.17
C ARG A 308 -0.42 16.41 8.66
N LYS A 309 -1.02 17.58 8.85
CA LYS A 309 -2.39 17.63 9.30
C LYS A 309 -3.38 17.33 8.17
N ASP A 310 -4.58 16.93 8.54
CA ASP A 310 -5.64 16.68 7.56
C ASP A 310 -6.01 17.99 6.92
N LEU A 311 -6.41 17.94 5.66
CA LEU A 311 -6.79 19.17 4.96
C LEU A 311 -8.11 19.77 5.43
N ASP A 312 -8.91 19.00 6.19
CA ASP A 312 -10.25 19.44 6.62
C ASP A 312 -10.58 19.22 8.11
N ALA A 313 -10.28 18.04 8.63
CA ALA A 313 -10.44 17.74 10.04
C ALA A 313 -9.41 18.48 10.90
N GLU A 314 -9.89 19.46 11.66
CA GLU A 314 -9.12 20.13 12.72
C GLU A 314 -8.07 19.22 13.38
N LYS A 315 -8.53 18.09 13.90
CA LYS A 315 -7.74 17.29 14.82
C LYS A 315 -7.11 16.10 14.13
N GLY A 316 -7.23 16.01 12.81
CA GLY A 316 -6.75 14.87 12.05
C GLY A 316 -5.30 15.02 11.60
N ILE A 317 -4.56 13.90 11.63
CA ILE A 317 -3.15 13.86 11.25
C ILE A 317 -2.89 12.58 10.44
N HIS A 318 -2.18 12.74 9.31
CA HIS A 318 -1.66 11.61 8.55
C HIS A 318 -0.17 11.42 8.83
N MET A 319 0.31 10.18 8.70
CA MET A 319 1.73 9.87 8.78
C MET A 319 2.05 8.53 8.13
N TRP A 320 3.35 8.26 7.99
CA TRP A 320 3.87 7.05 7.37
C TRP A 320 4.80 6.36 8.38
N VAL A 321 4.51 5.10 8.73
CA VAL A 321 5.31 4.37 9.72
C VAL A 321 5.94 3.11 9.08
N VAL A 322 7.21 2.85 9.39
CA VAL A 322 7.98 1.78 8.76
C VAL A 322 8.86 1.08 9.81
N SER A 323 8.90 -0.25 9.78
CA SER A 323 9.75 -0.99 10.68
C SER A 323 10.02 -2.39 10.13
N ASP A 324 11.21 -2.92 10.43
CA ASP A 324 11.55 -4.30 10.14
C ASP A 324 10.53 -5.13 10.89
N ASN A 325 9.69 -5.83 10.15
CA ASN A 325 8.61 -6.65 10.73
C ASN A 325 9.04 -7.86 11.54
N LEU A 326 10.22 -8.40 11.23
CA LEU A 326 10.77 -9.51 12.02
C LEU A 326 11.61 -9.07 13.23
N LEU A 327 11.98 -7.79 13.32
CA LEU A 327 12.74 -7.27 14.45
C LEU A 327 11.75 -6.64 15.43
N LYS A 328 11.50 -5.34 15.35
CA LYS A 328 10.53 -4.72 16.27
C LYS A 328 9.15 -5.35 16.14
N GLY A 329 8.82 -5.82 14.94
CA GLY A 329 7.55 -6.47 14.71
C GLY A 329 7.42 -7.84 15.38
N ALA A 330 8.54 -8.45 15.78
CA ALA A 330 8.51 -9.76 16.42
C ALA A 330 9.68 -10.06 17.36
N ALA A 331 10.84 -10.39 16.80
CA ALA A 331 11.94 -10.95 17.56
C ALA A 331 12.61 -9.98 18.51
N TRP A 332 12.83 -8.75 18.06
CA TRP A 332 13.34 -7.71 18.94
C TRP A 332 12.31 -7.33 20.01
N ASN A 333 11.03 -7.23 19.64
CA ASN A 333 10.04 -6.98 20.67
C ASN A 333 10.09 -8.05 21.76
N SER A 334 10.17 -9.32 21.33
CA SER A 334 10.22 -10.46 22.24
C SER A 334 11.45 -10.48 23.15
N VAL A 335 12.61 -10.14 22.60
CA VAL A 335 13.85 -10.10 23.37
C VAL A 335 13.90 -8.88 24.27
N GLN A 336 13.33 -7.76 23.80
CA GLN A 336 13.20 -6.54 24.61
C GLN A 336 12.27 -6.80 25.80
N ILE A 337 11.29 -7.66 25.62
CA ILE A 337 10.39 -8.05 26.70
C ILE A 337 11.19 -8.84 27.74
N ALA A 338 12.05 -9.74 27.27
CA ALA A 338 12.87 -10.58 28.14
C ALA A 338 13.90 -9.76 28.91
N GLU A 339 14.53 -8.80 28.21
CA GLU A 339 15.44 -7.86 28.83
C GLU A 339 14.70 -7.04 29.90
N THR A 340 13.46 -6.69 29.60
CA THR A 340 12.64 -5.90 30.54
C THR A 340 12.19 -6.74 31.75
N LEU A 341 11.91 -8.02 31.51
CA LEU A 341 11.53 -8.94 32.58
C LEU A 341 12.70 -9.06 33.56
N HIS A 342 13.92 -9.09 33.02
CA HIS A 342 15.16 -9.20 33.81
C HIS A 342 15.45 -7.90 34.55
N GLU A 343 15.24 -6.77 33.89
CA GLU A 343 15.39 -5.46 34.52
C GLU A 343 14.56 -5.35 35.77
N ARG A 344 13.34 -5.89 35.70
CA ARG A 344 12.30 -5.71 36.72
C ARG A 344 12.20 -6.85 37.74
N GLY A 345 13.10 -7.82 37.65
CA GLY A 345 13.14 -8.94 38.59
C GLY A 345 11.95 -9.88 38.46
N LEU A 346 11.45 -10.04 37.23
CA LEU A 346 10.24 -10.81 36.95
C LEU A 346 10.52 -12.14 36.27
N VAL A 347 11.77 -12.57 36.23
CA VAL A 347 12.10 -13.90 35.73
C VAL A 347 12.15 -14.88 36.90
N ARG A 348 10.98 -15.40 37.24
CA ARG A 348 10.85 -16.42 38.28
C ARG A 348 9.56 -17.23 38.07
N PRO A 349 9.53 -18.46 38.59
CA PRO A 349 8.32 -19.29 38.50
C PRO A 349 7.05 -18.59 38.99
N THR A 350 5.91 -19.00 38.43
CA THR A 350 4.60 -18.49 38.80
C THR A 350 3.90 -19.50 39.70
N ALA A 351 3.24 -19.02 40.75
CA ALA A 351 2.70 -19.89 41.80
C ALA A 351 1.39 -20.58 41.44
N GLU A 352 0.47 -19.84 40.82
CA GLU A 352 -0.80 -20.41 40.38
C GLU A 352 -0.82 -20.54 38.85
N LEU A 353 -1.04 -21.77 38.37
CA LEU A 353 -1.25 -22.03 36.95
C LEU A 353 -2.68 -21.66 36.55
N LYS A 354 -2.82 -20.77 35.57
CA LYS A 354 -4.11 -20.23 35.14
C LYS A 354 -4.42 -20.59 33.68
N PHE A 355 -3.69 -21.57 33.15
CA PHE A 355 -3.77 -21.95 31.74
C PHE A 355 -3.93 -23.47 31.61
N GLU A 356 -5.15 -23.91 31.35
CA GLU A 356 -5.47 -25.33 31.24
C GLU A 356 -4.50 -26.10 30.35
N LEU A 357 -4.14 -27.30 30.79
CA LEU A 357 -3.22 -28.17 30.05
C LEU A 357 -4.01 -28.94 29.00
N LYS A 358 -3.43 -29.10 27.81
CA LYS A 358 -4.11 -29.74 26.69
C LYS A 358 -3.64 -31.20 26.50
N GLY B 2 -15.27 10.33 -41.77
CA GLY B 2 -14.22 9.81 -40.85
C GLY B 2 -13.29 10.90 -40.32
N TYR B 3 -12.61 10.60 -39.22
CA TYR B 3 -11.73 11.55 -38.53
C TYR B 3 -10.24 11.33 -38.85
N THR B 4 -9.49 12.42 -38.85
CA THR B 4 -8.03 12.34 -38.77
C THR B 4 -7.69 12.46 -37.29
N VAL B 5 -7.01 11.44 -36.78
CA VAL B 5 -6.64 11.37 -35.39
C VAL B 5 -5.13 11.34 -35.22
N ALA B 6 -4.62 12.24 -34.39
CA ALA B 6 -3.21 12.25 -34.05
C ALA B 6 -3.06 11.72 -32.62
N VAL B 7 -1.96 11.01 -32.36
CA VAL B 7 -1.56 10.64 -31.03
C VAL B 7 -0.24 11.34 -30.74
N VAL B 8 -0.24 12.28 -29.80
CA VAL B 8 1.02 12.94 -29.39
C VAL B 8 1.60 12.17 -28.17
N GLY B 9 2.85 11.77 -28.28
CA GLY B 9 3.46 10.87 -27.31
C GLY B 9 3.18 9.40 -27.64
N ALA B 10 3.16 9.06 -28.94
CA ALA B 10 2.74 7.74 -29.37
C ALA B 10 3.71 6.60 -28.99
N THR B 11 4.98 6.95 -28.79
CA THR B 11 6.02 5.99 -28.39
C THR B 11 6.10 5.69 -26.88
N GLY B 12 5.58 6.56 -26.04
CA GLY B 12 5.61 6.33 -24.59
C GLY B 12 4.76 5.15 -24.10
N ALA B 13 4.75 4.92 -22.80
CA ALA B 13 3.97 3.85 -22.18
C ALA B 13 2.45 4.04 -22.33
N VAL B 14 1.98 5.26 -22.08
CA VAL B 14 0.57 5.59 -22.29
C VAL B 14 0.24 5.60 -23.79
N GLY B 15 1.12 6.22 -24.59
CA GLY B 15 0.90 6.30 -26.01
C GLY B 15 0.71 4.95 -26.64
N ALA B 16 1.43 3.95 -26.15
CA ALA B 16 1.26 2.59 -26.66
C ALA B 16 -0.14 2.06 -26.34
N GLN B 17 -0.69 2.41 -25.17
CA GLN B 17 -2.05 2.01 -24.83
C GLN B 17 -3.10 2.87 -25.53
N MET B 18 -2.73 4.10 -25.92
CA MET B 18 -3.62 4.93 -26.74
C MET B 18 -3.77 4.33 -28.12
N ILE B 19 -2.69 3.79 -28.65
CA ILE B 19 -2.72 3.10 -29.93
C ILE B 19 -3.61 1.87 -29.83
N LYS B 20 -3.48 1.09 -28.77
CA LYS B 20 -4.27 -0.13 -28.61
C LYS B 20 -5.76 0.17 -28.47
N MET B 21 -6.09 1.22 -27.74
CA MET B 21 -7.50 1.57 -27.51
C MET B 21 -8.17 2.13 -28.79
N LEU B 22 -7.35 2.78 -29.63
CA LEU B 22 -7.82 3.34 -30.91
C LEU B 22 -8.03 2.21 -31.90
N GLU B 23 -7.12 1.25 -31.88
CA GLU B 23 -7.23 0.05 -32.68
C GLU B 23 -8.54 -0.71 -32.40
N GLU B 24 -8.99 -0.69 -31.14
CA GLU B 24 -10.21 -1.42 -30.75
C GLU B 24 -11.43 -0.51 -30.56
N SER B 25 -11.32 0.74 -31.02
CA SER B 25 -12.38 1.74 -30.88
C SER B 25 -13.45 1.59 -31.98
N THR B 26 -14.64 2.09 -31.69
CA THR B 26 -15.73 2.16 -32.67
C THR B 26 -15.59 3.40 -33.58
N LEU B 27 -14.71 4.33 -33.16
CA LEU B 27 -14.48 5.61 -33.85
C LEU B 27 -14.12 5.44 -35.34
N PRO B 28 -14.84 6.11 -36.23
CA PRO B 28 -14.52 6.04 -37.67
C PRO B 28 -13.24 6.82 -37.96
N ILE B 29 -12.13 6.14 -38.20
CA ILE B 29 -10.86 6.82 -38.38
C ILE B 29 -10.39 6.65 -39.81
N ASP B 30 -10.25 7.76 -40.53
CA ASP B 30 -9.76 7.71 -41.92
C ASP B 30 -8.24 7.72 -41.98
N LYS B 31 -7.62 8.45 -41.05
CA LYS B 31 -6.18 8.69 -41.05
C LYS B 31 -5.64 8.73 -39.62
N ILE B 32 -4.52 8.05 -39.39
CA ILE B 32 -3.80 8.13 -38.12
C ILE B 32 -2.44 8.78 -38.31
N ARG B 33 -2.06 9.64 -37.36
CA ARG B 33 -0.71 10.17 -37.29
C ARG B 33 -0.16 9.98 -35.89
N TYR B 34 1.13 9.65 -35.81
CA TYR B 34 1.85 9.45 -34.53
C TYR B 34 2.86 10.59 -34.39
N LEU B 35 2.70 11.41 -33.36
CA LEU B 35 3.63 12.50 -33.07
C LEU B 35 4.44 12.19 -31.83
N ALA B 36 5.71 12.59 -31.83
CA ALA B 36 6.55 12.49 -30.65
C ALA B 36 7.62 13.57 -30.73
N SER B 37 8.81 13.35 -30.15
CA SER B 37 9.88 14.35 -30.15
C SER B 37 10.83 14.15 -31.31
N ALA B 38 11.85 15.01 -31.37
CA ALA B 38 12.90 14.86 -32.36
C ALA B 38 13.58 13.48 -32.34
N ARG B 39 13.72 12.85 -31.16
CA ARG B 39 14.51 11.62 -31.13
C ARG B 39 13.77 10.39 -31.67
N SER B 40 12.44 10.42 -31.66
CA SER B 40 11.65 9.37 -32.31
C SER B 40 11.28 9.68 -33.77
N ALA B 41 11.43 10.94 -34.18
CA ALA B 41 11.05 11.35 -35.54
C ALA B 41 11.74 10.50 -36.59
N GLY B 42 10.96 10.04 -37.58
CA GLY B 42 11.46 9.18 -38.63
C GLY B 42 11.40 7.68 -38.39
N LYS B 43 11.23 7.25 -37.14
CA LYS B 43 11.01 5.84 -36.83
C LYS B 43 9.59 5.45 -37.25
N SER B 44 9.29 4.15 -37.23
CA SER B 44 8.00 3.61 -37.67
C SER B 44 7.30 2.83 -36.55
N LEU B 45 5.98 2.71 -36.64
CA LEU B 45 5.16 2.12 -35.57
C LEU B 45 3.81 1.64 -36.14
N LYS B 46 3.28 0.53 -35.64
CA LYS B 46 2.09 -0.05 -36.25
C LYS B 46 0.80 0.64 -35.78
N PHE B 47 -0.16 0.76 -36.69
CA PHE B 47 -1.56 0.89 -36.36
C PHE B 47 -2.26 -0.20 -37.16
N LYS B 48 -2.71 -1.23 -36.45
CA LYS B 48 -3.15 -2.48 -37.05
C LYS B 48 -2.01 -3.03 -37.92
N ASP B 49 -2.24 -3.21 -39.22
CA ASP B 49 -1.24 -3.80 -40.13
C ASP B 49 -0.37 -2.74 -40.81
N GLN B 50 -0.71 -1.47 -40.61
CA GLN B 50 -0.12 -0.35 -41.33
C GLN B 50 1.12 0.16 -40.61
N ASP B 51 2.10 0.61 -41.39
CA ASP B 51 3.29 1.26 -40.86
C ASP B 51 3.04 2.77 -40.84
N ILE B 52 3.30 3.40 -39.70
CA ILE B 52 3.07 4.83 -39.52
C ILE B 52 4.38 5.48 -39.14
N THR B 53 4.88 6.37 -39.99
CA THR B 53 6.08 7.13 -39.70
C THR B 53 5.84 8.18 -38.63
N ILE B 54 6.63 8.13 -37.56
CA ILE B 54 6.52 9.07 -36.45
C ILE B 54 7.02 10.46 -36.86
N GLU B 55 6.29 11.49 -36.45
CA GLU B 55 6.64 12.87 -36.78
C GLU B 55 6.97 13.68 -35.53
N GLU B 56 7.92 14.58 -35.67
CA GLU B 56 8.24 15.54 -34.63
C GLU B 56 7.09 16.52 -34.45
N THR B 57 6.73 16.76 -33.20
CA THR B 57 5.65 17.65 -32.86
C THR B 57 6.17 19.07 -33.01
N THR B 58 5.44 19.86 -33.81
CA THR B 58 5.66 21.30 -33.92
C THR B 58 4.34 22.02 -33.82
N GLU B 59 4.41 23.35 -33.83
CA GLU B 59 3.22 24.21 -33.80
C GLU B 59 2.39 24.12 -35.09
N THR B 60 3.04 23.82 -36.22
CA THR B 60 2.36 23.73 -37.53
C THR B 60 2.04 22.29 -37.94
N ALA B 61 2.10 21.35 -37.02
CA ALA B 61 1.91 19.94 -37.37
C ALA B 61 0.46 19.45 -37.30
N PHE B 62 -0.48 20.32 -36.94
CA PHE B 62 -1.85 19.89 -36.66
C PHE B 62 -2.90 20.24 -37.73
N GLU B 63 -2.46 20.73 -38.90
CA GLU B 63 -3.34 20.99 -40.04
C GLU B 63 -4.06 19.69 -40.46
N GLY B 64 -5.38 19.76 -40.57
CA GLY B 64 -6.16 18.63 -41.03
C GLY B 64 -6.65 17.67 -39.94
N VAL B 65 -6.12 17.81 -38.73
CA VAL B 65 -6.41 16.88 -37.64
C VAL B 65 -7.72 17.24 -36.95
N ASP B 66 -8.58 16.24 -36.76
CA ASP B 66 -9.87 16.41 -36.11
C ASP B 66 -9.76 16.20 -34.60
N ILE B 67 -9.05 15.16 -34.20
CA ILE B 67 -8.88 14.80 -32.80
C ILE B 67 -7.41 14.52 -32.51
N ALA B 68 -6.88 15.13 -31.47
CA ALA B 68 -5.52 14.83 -31.03
C ALA B 68 -5.54 14.40 -29.56
N LEU B 69 -5.03 13.19 -29.32
CA LEU B 69 -4.87 12.63 -27.98
C LEU B 69 -3.42 12.90 -27.51
N PHE B 70 -3.26 13.76 -26.51
CA PHE B 70 -1.94 14.19 -26.03
C PHE B 70 -1.54 13.32 -24.83
N SER B 71 -0.36 12.71 -24.91
CA SER B 71 0.24 12.06 -23.75
C SER B 71 1.76 12.10 -23.85
N ALA B 72 2.29 13.31 -23.81
CA ALA B 72 3.70 13.55 -24.04
C ALA B 72 4.31 14.41 -22.94
N GLY B 73 3.69 14.40 -21.77
CA GLY B 73 4.13 15.23 -20.66
C GLY B 73 3.51 16.63 -20.73
N SER B 74 3.40 17.26 -19.57
CA SER B 74 2.78 18.58 -19.41
C SER B 74 3.38 19.69 -20.28
N SER B 75 4.71 19.74 -20.39
CA SER B 75 5.36 20.81 -21.15
C SER B 75 4.97 20.75 -22.63
N THR B 76 4.82 19.53 -23.15
CA THR B 76 4.39 19.31 -24.51
C THR B 76 2.95 19.75 -24.77
N SER B 77 2.05 19.51 -23.82
CA SER B 77 0.67 19.95 -23.97
C SER B 77 0.58 21.48 -23.87
N ALA B 78 1.36 22.08 -22.97
CA ALA B 78 1.36 23.54 -22.79
C ALA B 78 1.87 24.29 -24.03
N LYS B 79 2.86 23.68 -24.69
CA LYS B 79 3.52 24.27 -25.85
C LYS B 79 2.69 24.10 -27.12
N TYR B 80 2.09 22.93 -27.33
CA TYR B 80 1.50 22.57 -28.63
C TYR B 80 -0.03 22.48 -28.68
N ALA B 81 -0.68 22.11 -27.57
CA ALA B 81 -2.14 21.91 -27.59
C ALA B 81 -2.94 23.16 -27.95
N PRO B 82 -2.55 24.34 -27.45
CA PRO B 82 -3.17 25.58 -27.89
C PRO B 82 -3.00 25.82 -29.41
N TYR B 83 -1.87 25.46 -30.02
CA TYR B 83 -1.75 25.58 -31.48
C TYR B 83 -2.64 24.57 -32.21
N ALA B 84 -2.80 23.38 -31.64
CA ALA B 84 -3.74 22.40 -32.19
C ALA B 84 -5.16 22.94 -32.17
N VAL B 85 -5.56 23.53 -31.04
CA VAL B 85 -6.91 24.11 -30.92
C VAL B 85 -7.10 25.24 -31.93
N LYS B 86 -6.07 26.06 -32.12
CA LYS B 86 -6.13 27.17 -33.06
C LYS B 86 -6.34 26.67 -34.48
N ALA B 87 -5.75 25.51 -34.78
CA ALA B 87 -5.86 24.88 -36.08
C ALA B 87 -7.23 24.22 -36.33
N GLY B 88 -7.98 23.96 -35.25
CA GLY B 88 -9.33 23.43 -35.35
C GLY B 88 -9.49 22.03 -34.78
N VAL B 89 -8.50 21.57 -34.02
CA VAL B 89 -8.51 20.25 -33.41
C VAL B 89 -9.38 20.30 -32.16
N VAL B 90 -10.01 19.18 -31.81
CA VAL B 90 -10.44 18.95 -30.42
C VAL B 90 -9.34 18.13 -29.76
N VAL B 91 -8.83 18.60 -28.64
CA VAL B 91 -7.74 17.95 -27.90
C VAL B 91 -8.27 17.22 -26.68
N VAL B 92 -7.94 15.94 -26.57
CA VAL B 92 -8.06 15.22 -25.30
C VAL B 92 -6.66 15.13 -24.68
N ASP B 93 -6.42 15.94 -23.64
CA ASP B 93 -5.14 16.00 -22.95
C ASP B 93 -5.07 15.08 -21.74
N ASN B 94 -4.06 14.21 -21.75
CA ASN B 94 -3.90 13.23 -20.68
C ASN B 94 -3.20 13.81 -19.45
N THR B 95 -2.38 14.84 -19.65
CA THR B 95 -1.56 15.45 -18.61
C THR B 95 -2.37 16.35 -17.66
N SER B 96 -1.66 16.92 -16.69
CA SER B 96 -2.27 17.73 -15.65
C SER B 96 -2.33 19.22 -15.99
N TYR B 97 -1.72 19.63 -17.09
CA TYR B 97 -1.46 21.04 -17.29
C TYR B 97 -2.75 21.89 -17.37
N PHE B 98 -3.77 21.37 -18.04
CA PHE B 98 -5.04 22.10 -18.20
C PHE B 98 -6.15 21.69 -17.25
N ARG B 99 -5.92 20.67 -16.42
CA ARG B 99 -6.95 20.13 -15.53
C ARG B 99 -7.76 21.12 -14.69
N GLN B 100 -7.11 22.18 -14.22
CA GLN B 100 -7.74 23.17 -13.33
C GLN B 100 -8.14 24.49 -14.00
N ASN B 101 -7.94 24.59 -15.31
CA ASN B 101 -8.45 25.71 -16.11
C ASN B 101 -10.01 25.61 -16.16
N PRO B 102 -10.71 26.67 -15.75
CA PRO B 102 -12.18 26.65 -15.73
C PRO B 102 -12.85 26.56 -17.13
N ASP B 103 -12.08 26.80 -18.19
CA ASP B 103 -12.57 26.67 -19.56
C ASP B 103 -12.32 25.24 -20.12
N VAL B 104 -11.94 24.33 -19.24
CA VAL B 104 -11.55 22.98 -19.63
C VAL B 104 -12.31 21.94 -18.80
N PRO B 105 -13.23 21.23 -19.43
CA PRO B 105 -13.89 20.07 -18.80
C PRO B 105 -12.89 18.99 -18.36
N LEU B 106 -13.05 18.54 -17.10
CA LEU B 106 -12.24 17.48 -16.51
C LEU B 106 -13.15 16.26 -16.35
N VAL B 107 -12.99 15.28 -17.24
CA VAL B 107 -14.06 14.33 -17.47
C VAL B 107 -13.70 12.86 -17.29
N VAL B 108 -14.59 12.20 -16.57
CA VAL B 108 -14.71 10.75 -16.52
C VAL B 108 -16.10 10.46 -17.09
N PRO B 109 -16.22 9.98 -18.34
CA PRO B 109 -17.53 9.90 -19.02
C PRO B 109 -18.73 9.36 -18.21
N GLU B 110 -18.51 8.42 -17.30
CA GLU B 110 -19.59 7.80 -16.54
C GLU B 110 -20.14 8.76 -15.48
N VAL B 111 -19.31 9.71 -15.06
CA VAL B 111 -19.64 10.62 -13.97
C VAL B 111 -20.13 11.96 -14.47
N ASN B 112 -19.40 12.57 -15.40
CA ASN B 112 -19.73 13.93 -15.80
C ASN B 112 -19.60 14.18 -17.30
N ALA B 113 -20.26 13.34 -18.11
CA ALA B 113 -20.25 13.53 -19.56
C ALA B 113 -20.90 14.84 -20.00
N HIS B 114 -21.87 15.34 -19.24
CA HIS B 114 -22.52 16.61 -19.54
C HIS B 114 -21.56 17.80 -19.70
N ALA B 115 -20.43 17.78 -19.02
CA ALA B 115 -19.44 18.87 -19.07
C ALA B 115 -18.67 18.95 -20.38
N LEU B 116 -18.74 17.89 -21.18
CA LEU B 116 -18.20 17.89 -22.53
C LEU B 116 -18.91 18.90 -23.45
N ASP B 117 -20.21 19.12 -23.23
CA ASP B 117 -21.02 19.94 -24.13
C ASP B 117 -20.48 21.35 -24.31
N ALA B 118 -19.86 21.89 -23.26
CA ALA B 118 -19.42 23.29 -23.25
C ALA B 118 -17.91 23.41 -23.46
N HIS B 119 -17.30 22.42 -24.11
CA HIS B 119 -15.85 22.43 -24.28
C HIS B 119 -15.42 23.52 -25.25
N ASN B 120 -14.19 23.99 -25.03
CA ASN B 120 -13.61 25.07 -25.80
C ASN B 120 -12.36 24.57 -26.53
N GLY B 121 -12.37 23.29 -26.92
CA GLY B 121 -11.30 22.70 -27.70
C GLY B 121 -10.31 21.80 -26.95
N ILE B 122 -10.42 21.72 -25.63
CA ILE B 122 -9.56 20.85 -24.80
C ILE B 122 -10.39 20.19 -23.70
N ILE B 123 -10.35 18.87 -23.65
CA ILE B 123 -10.92 18.12 -22.55
C ILE B 123 -9.77 17.44 -21.83
N ALA B 124 -9.68 17.67 -20.53
CA ALA B 124 -8.66 17.04 -19.69
C ALA B 124 -9.13 15.70 -19.18
N CYS B 125 -8.28 14.71 -19.35
CA CYS B 125 -8.38 13.43 -18.72
C CYS B 125 -7.76 13.58 -17.32
N PRO B 126 -8.48 13.25 -16.24
CA PRO B 126 -7.90 13.36 -14.90
C PRO B 126 -6.78 12.36 -14.62
N ASN B 127 -6.15 12.56 -13.47
CA ASN B 127 -5.08 11.69 -12.98
C ASN B 127 -5.55 10.25 -12.83
N CYS B 128 -4.62 9.31 -13.02
CA CYS B 128 -4.97 7.88 -13.07
C CYS B 128 -5.67 7.40 -11.79
N SER B 129 -5.07 7.71 -10.64
CA SER B 129 -5.59 7.30 -9.33
C SER B 129 -6.95 7.95 -9.00
N THR B 130 -7.19 9.14 -9.53
CA THR B 130 -8.45 9.85 -9.33
C THR B 130 -9.60 9.22 -10.10
N ILE B 131 -9.34 8.80 -11.33
CA ILE B 131 -10.41 8.29 -12.19
C ILE B 131 -11.07 7.04 -11.58
N GLN B 132 -10.27 6.10 -11.10
CA GLN B 132 -10.83 4.84 -10.60
C GLN B 132 -11.62 5.08 -9.30
N MET B 133 -11.17 6.02 -8.49
CA MET B 133 -11.89 6.42 -7.27
C MET B 133 -13.27 7.01 -7.62
N MET B 134 -13.31 7.78 -8.70
CA MET B 134 -14.55 8.43 -9.13
C MET B 134 -15.58 7.41 -9.62
N VAL B 135 -15.12 6.42 -10.36
CA VAL B 135 -16.00 5.36 -10.86
C VAL B 135 -16.63 4.58 -9.70
N ALA B 136 -15.84 4.32 -8.66
CA ALA B 136 -16.33 3.56 -7.50
C ALA B 136 -17.30 4.34 -6.61
N LEU B 137 -17.05 5.63 -6.43
CA LEU B 137 -17.77 6.41 -5.44
C LEU B 137 -18.96 7.20 -5.97
N GLU B 138 -19.01 7.41 -7.27
CA GLU B 138 -20.07 8.20 -7.84
C GLU B 138 -21.44 7.56 -7.64
N PRO B 139 -21.58 6.25 -7.86
CA PRO B 139 -22.84 5.56 -7.53
C PRO B 139 -23.24 5.64 -6.04
N VAL B 140 -22.24 5.77 -5.16
CA VAL B 140 -22.51 5.93 -3.73
C VAL B 140 -22.98 7.36 -3.44
N ARG B 141 -22.26 8.31 -4.03
CA ARG B 141 -22.55 9.72 -3.87
C ARG B 141 -23.94 10.03 -4.38
N GLN B 142 -24.31 9.45 -5.51
CA GLN B 142 -25.61 9.71 -6.13
C GLN B 142 -26.79 9.32 -5.22
N LYS B 143 -26.62 8.32 -4.37
CA LYS B 143 -27.75 7.81 -3.54
C LYS B 143 -27.73 8.27 -2.09
N TRP B 144 -26.53 8.38 -1.52
CA TRP B 144 -26.35 8.67 -0.10
C TRP B 144 -25.47 9.89 0.24
N GLY B 145 -24.87 10.52 -0.77
CA GLY B 145 -23.98 11.64 -0.56
C GLY B 145 -22.57 11.24 -0.15
N LEU B 146 -21.66 12.22 -0.14
CA LEU B 146 -20.27 12.04 0.26
C LEU B 146 -19.85 13.25 1.10
N ASP B 147 -19.53 13.00 2.36
CA ASP B 147 -19.04 14.04 3.25
C ASP B 147 -17.54 14.16 3.13
N ARG B 148 -16.85 13.01 3.18
CA ARG B 148 -15.39 13.00 3.12
C ARG B 148 -14.78 11.70 2.55
N ILE B 149 -13.54 11.84 2.08
CA ILE B 149 -12.75 10.74 1.53
C ILE B 149 -11.36 10.79 2.16
N ILE B 150 -10.88 9.64 2.58
CA ILE B 150 -9.48 9.44 2.96
C ILE B 150 -9.01 8.28 2.13
N VAL B 151 -7.92 8.47 1.39
CA VAL B 151 -7.45 7.43 0.51
C VAL B 151 -5.93 7.22 0.61
N SER B 152 -5.55 5.95 0.61
CA SER B 152 -4.15 5.53 0.57
C SER B 152 -3.94 4.70 -0.70
N THR B 153 -3.04 5.11 -1.59
CA THR B 153 -2.86 4.41 -2.85
C THR B 153 -1.67 3.45 -2.85
N TYR B 154 -1.76 2.50 -3.78
CA TYR B 154 -0.80 1.42 -3.97
C TYR B 154 -0.56 1.47 -5.49
N GLN B 155 0.33 2.37 -5.92
CA GLN B 155 0.42 2.75 -7.34
C GLN B 155 1.57 2.09 -8.11
N ALA B 156 1.22 1.60 -9.30
CA ALA B 156 2.16 0.99 -10.23
C ALA B 156 3.11 2.03 -10.83
N VAL B 157 4.28 1.58 -11.28
CA VAL B 157 5.33 2.47 -11.80
C VAL B 157 5.21 2.86 -13.27
N SER B 158 4.25 2.29 -14.00
CA SER B 158 4.08 2.66 -15.43
C SER B 158 3.59 4.10 -15.62
N GLY B 159 2.92 4.64 -14.60
CA GLY B 159 2.45 6.02 -14.60
C GLY B 159 3.58 7.03 -14.57
N ALA B 160 4.77 6.61 -14.16
CA ALA B 160 5.96 7.43 -14.20
C ALA B 160 6.68 7.33 -15.55
N GLY B 161 6.17 6.48 -16.44
CA GLY B 161 6.68 6.39 -17.81
C GLY B 161 7.53 5.15 -18.09
N MET B 162 8.01 5.06 -19.32
CA MET B 162 8.67 3.85 -19.84
C MET B 162 10.02 3.58 -19.16
N GLY B 163 10.78 4.66 -18.92
CA GLY B 163 12.06 4.57 -18.25
C GLY B 163 11.91 4.03 -16.84
N ALA B 164 10.82 4.39 -16.18
CA ALA B 164 10.53 3.92 -14.82
C ALA B 164 10.25 2.42 -14.80
N ILE B 165 9.59 1.92 -15.85
CA ILE B 165 9.27 0.50 -15.97
C ILE B 165 10.56 -0.29 -16.10
N LEU B 166 11.38 0.11 -17.07
CA LEU B 166 12.70 -0.50 -17.28
C LEU B 166 13.57 -0.45 -16.04
N GLU B 167 13.49 0.66 -15.28
CA GLU B 167 14.30 0.82 -14.09
C GLU B 167 13.85 -0.15 -13.00
N THR B 168 12.54 -0.33 -12.86
CA THR B 168 11.99 -1.28 -11.91
C THR B 168 12.43 -2.71 -12.26
N GLN B 169 12.20 -3.08 -13.50
CA GLN B 169 12.53 -4.42 -13.99
C GLN B 169 14.00 -4.80 -13.70
N ARG B 170 14.93 -3.91 -14.03
CA ARG B 170 16.35 -4.22 -13.90
C ARG B 170 16.81 -4.21 -12.45
N GLU B 171 16.26 -3.31 -11.65
CA GLU B 171 16.51 -3.31 -10.21
C GLU B 171 16.15 -4.65 -9.61
N LEU B 172 14.98 -5.18 -9.98
CA LEU B 172 14.52 -6.45 -9.43
C LEU B 172 15.44 -7.55 -9.97
N ARG B 173 15.85 -7.44 -11.24
CA ARG B 173 16.74 -8.43 -11.84
C ARG B 173 18.10 -8.42 -11.16
N GLU B 174 18.55 -7.25 -10.73
CA GLU B 174 19.85 -7.14 -10.08
C GLU B 174 19.79 -7.80 -8.72
N VAL B 175 18.74 -7.52 -7.96
CA VAL B 175 18.54 -8.12 -6.65
C VAL B 175 18.45 -9.64 -6.74
N LEU B 176 17.66 -10.13 -7.69
CA LEU B 176 17.25 -11.52 -7.74
C LEU B 176 18.28 -12.42 -8.38
N ASN B 177 18.82 -11.99 -9.53
CA ASN B 177 19.77 -12.80 -10.30
C ASN B 177 21.24 -12.54 -9.95
N ASP B 178 21.57 -11.29 -9.61
CA ASP B 178 22.97 -10.89 -9.35
C ASP B 178 23.36 -10.80 -7.87
N GLY B 179 22.40 -10.91 -6.96
CA GLY B 179 22.68 -10.85 -5.53
C GLY B 179 22.79 -9.46 -4.93
N VAL B 180 22.53 -8.41 -5.72
CA VAL B 180 22.63 -7.03 -5.25
C VAL B 180 21.62 -6.73 -4.14
N LYS B 181 22.10 -6.21 -3.01
CA LYS B 181 21.25 -5.77 -1.90
C LYS B 181 20.41 -4.57 -2.35
N PRO B 182 19.13 -4.52 -2.00
CA PRO B 182 18.27 -3.37 -2.35
C PRO B 182 18.82 -1.99 -1.92
N CYS B 183 19.57 -1.95 -0.81
CA CYS B 183 20.27 -0.74 -0.36
C CYS B 183 21.22 -0.17 -1.39
N ASP B 184 21.86 -1.07 -2.13
CA ASP B 184 22.96 -0.71 -3.03
C ASP B 184 22.51 -0.50 -4.48
N LEU B 185 21.21 -0.39 -4.71
CA LEU B 185 20.71 -0.14 -6.06
C LEU B 185 20.89 1.32 -6.46
N HIS B 186 21.29 1.54 -7.71
CA HIS B 186 21.42 2.86 -8.30
C HIS B 186 20.14 3.18 -9.03
N ALA B 187 19.40 4.17 -8.56
CA ALA B 187 18.20 4.66 -9.25
C ALA B 187 18.47 5.98 -9.94
N GLU B 188 17.80 6.19 -11.07
CA GLU B 188 17.89 7.43 -11.82
C GLU B 188 16.56 8.18 -12.00
N ILE B 189 15.41 7.52 -11.85
CA ILE B 189 14.11 8.12 -12.16
C ILE B 189 13.19 8.22 -10.93
N LEU B 190 12.73 7.09 -10.41
CA LEU B 190 11.83 7.09 -9.25
C LEU B 190 12.53 7.64 -8.01
N PRO B 191 11.76 8.19 -7.06
CA PRO B 191 10.29 8.25 -7.11
C PRO B 191 9.68 9.27 -8.09
N SER B 192 10.48 10.21 -8.57
CA SER B 192 10.00 11.28 -9.43
C SER B 192 11.14 11.85 -10.28
N GLY B 193 11.06 11.67 -11.60
CA GLY B 193 12.13 12.03 -12.52
C GLY B 193 12.60 13.47 -12.44
N GLY B 194 11.68 14.37 -12.10
CA GLY B 194 11.97 15.78 -11.95
C GLY B 194 12.76 16.15 -10.71
N ASP B 195 12.45 15.54 -9.58
CA ASP B 195 13.07 15.89 -8.30
C ASP B 195 14.61 15.66 -8.25
N LYS B 196 15.22 16.10 -7.17
CA LYS B 196 16.67 16.11 -7.01
C LYS B 196 17.29 14.74 -6.70
N LYS B 197 16.62 13.95 -5.85
CA LYS B 197 17.12 12.65 -5.39
C LYS B 197 16.25 11.48 -5.87
N HIS B 198 16.87 10.31 -6.02
CA HIS B 198 16.22 9.13 -6.60
C HIS B 198 16.48 7.87 -5.77
N TYR B 199 15.41 7.13 -5.46
CA TYR B 199 15.50 5.96 -4.59
C TYR B 199 15.06 4.70 -5.34
N PRO B 200 15.58 3.54 -4.94
CA PRO B 200 15.11 2.26 -5.48
C PRO B 200 13.67 1.92 -5.07
N ILE B 201 12.90 1.43 -6.04
CA ILE B 201 11.53 0.93 -5.83
C ILE B 201 11.51 -0.59 -5.58
N ALA B 202 12.56 -1.29 -6.00
CA ALA B 202 12.63 -2.74 -5.83
C ALA B 202 12.52 -3.16 -4.35
N PHE B 203 11.52 -3.99 -4.06
CA PHE B 203 11.21 -4.40 -2.67
C PHE B 203 11.10 -3.22 -1.71
N ASN B 204 10.42 -2.17 -2.17
CA ASN B 204 10.28 -0.94 -1.39
C ASN B 204 8.85 -0.40 -1.49
N ALA B 205 8.53 0.56 -0.64
CA ALA B 205 7.31 1.33 -0.78
C ALA B 205 7.68 2.80 -0.59
N LEU B 206 7.60 3.58 -1.66
CA LEU B 206 8.05 4.98 -1.65
C LEU B 206 6.85 5.95 -1.51
N PRO B 207 6.66 6.57 -0.36
CA PRO B 207 5.54 7.48 -0.15
C PRO B 207 5.77 8.87 -0.76
N GLN B 208 6.19 8.90 -2.02
CA GLN B 208 6.25 10.13 -2.80
C GLN B 208 5.89 9.80 -4.24
N ILE B 209 4.90 10.53 -4.77
CA ILE B 209 4.59 10.54 -6.19
C ILE B 209 4.40 12.01 -6.59
N ASP B 210 5.11 12.41 -7.65
CA ASP B 210 5.35 13.81 -8.00
C ASP B 210 6.22 14.48 -6.93
N VAL B 211 6.40 15.79 -7.06
CA VAL B 211 7.19 16.58 -6.13
C VAL B 211 6.30 17.10 -5.01
N PHE B 212 6.92 17.49 -3.90
CA PHE B 212 6.19 18.06 -2.75
C PHE B 212 5.71 19.47 -3.01
N THR B 213 4.52 19.78 -2.52
CA THR B 213 4.00 21.15 -2.54
C THR B 213 4.29 21.83 -1.21
N ASP B 214 4.00 23.12 -1.12
CA ASP B 214 4.33 23.87 0.08
C ASP B 214 3.50 23.50 1.34
N ASN B 215 2.46 22.67 1.19
CA ASN B 215 1.71 22.18 2.36
C ASN B 215 2.12 20.76 2.85
N ASP B 216 3.26 20.25 2.38
CA ASP B 216 3.80 18.90 2.71
C ASP B 216 3.08 17.69 2.11
N TYR B 217 1.97 17.95 1.43
CA TYR B 217 1.39 16.97 0.53
C TYR B 217 2.08 17.13 -0.81
N THR B 218 2.15 16.03 -1.54
CA THR B 218 2.74 16.03 -2.87
C THR B 218 1.71 16.48 -3.89
N TYR B 219 2.20 16.81 -5.09
CA TYR B 219 1.31 17.22 -6.16
C TYR B 219 0.29 16.12 -6.53
N GLU B 220 0.70 14.85 -6.45
CA GLU B 220 -0.20 13.72 -6.73
C GLU B 220 -1.36 13.65 -5.73
N GLU B 221 -1.04 13.75 -4.45
CA GLU B 221 -2.04 13.77 -3.38
C GLU B 221 -3.02 14.94 -3.52
N MET B 222 -2.51 16.11 -3.91
CA MET B 222 -3.33 17.31 -4.05
C MET B 222 -4.19 17.27 -5.30
N LYS B 223 -3.75 16.52 -6.31
CA LYS B 223 -4.55 16.32 -7.50
C LYS B 223 -5.75 15.46 -7.17
N MET B 224 -5.57 14.42 -6.36
CA MET B 224 -6.71 13.59 -5.97
C MET B 224 -7.76 14.52 -5.34
N THR B 225 -7.29 15.42 -4.48
CA THR B 225 -8.15 16.37 -3.79
C THR B 225 -8.91 17.29 -4.74
N LYS B 226 -8.17 18.04 -5.55
CA LYS B 226 -8.73 19.12 -6.37
C LYS B 226 -9.54 18.59 -7.55
N GLU B 227 -9.08 17.49 -8.14
CA GLU B 227 -9.80 16.87 -9.27
C GLU B 227 -11.11 16.27 -8.79
N THR B 228 -11.08 15.57 -7.66
CA THR B 228 -12.28 15.00 -7.08
C THR B 228 -13.37 16.06 -6.95
N LYS B 229 -12.98 17.25 -6.47
CA LYS B 229 -13.94 18.33 -6.28
C LYS B 229 -14.50 18.86 -7.61
N LYS B 230 -13.65 18.97 -8.64
CA LYS B 230 -14.09 19.50 -9.93
C LYS B 230 -14.99 18.49 -10.65
N ILE B 231 -14.59 17.23 -10.64
CA ILE B 231 -15.35 16.17 -11.30
C ILE B 231 -16.73 15.96 -10.67
N MET B 232 -16.81 15.98 -9.34
CA MET B 232 -18.09 15.79 -8.64
C MET B 232 -18.86 17.11 -8.42
N GLU B 233 -18.29 18.20 -8.93
CA GLU B 233 -18.90 19.53 -8.88
C GLU B 233 -19.40 19.85 -7.48
N ASP B 234 -18.50 19.64 -6.52
CA ASP B 234 -18.77 19.84 -5.10
C ASP B 234 -17.49 20.11 -4.31
N ASP B 235 -17.27 21.38 -3.97
CA ASP B 235 -16.06 21.80 -3.24
C ASP B 235 -16.13 21.47 -1.76
N SER B 236 -17.31 21.07 -1.29
CA SER B 236 -17.51 20.75 0.13
C SER B 236 -17.15 19.29 0.48
N ILE B 237 -16.77 18.48 -0.50
CA ILE B 237 -16.28 17.13 -0.24
C ILE B 237 -14.84 17.19 0.27
N ALA B 238 -14.65 16.87 1.55
CA ALA B 238 -13.35 16.76 2.17
C ALA B 238 -12.55 15.57 1.60
N VAL B 239 -11.35 15.82 1.09
CA VAL B 239 -10.50 14.76 0.57
C VAL B 239 -9.04 14.90 0.99
N SER B 240 -8.50 13.83 1.58
CA SER B 240 -7.08 13.77 1.89
C SER B 240 -6.50 12.44 1.45
N ALA B 241 -5.29 12.48 0.91
CA ALA B 241 -4.68 11.34 0.25
C ALA B 241 -3.26 11.09 0.72
N THR B 242 -2.84 9.82 0.69
CA THR B 242 -1.44 9.45 0.74
C THR B 242 -1.14 8.54 -0.45
N CYS B 243 -0.21 9.00 -1.27
CA CYS B 243 0.11 8.34 -2.52
C CYS B 243 1.48 7.70 -2.45
N VAL B 244 1.49 6.37 -2.60
CA VAL B 244 2.69 5.56 -2.43
C VAL B 244 2.91 4.69 -3.66
N ARG B 245 4.15 4.66 -4.15
CA ARG B 245 4.57 3.75 -5.21
C ARG B 245 5.01 2.40 -4.65
N ILE B 246 4.55 1.33 -5.28
CA ILE B 246 4.94 -0.01 -4.89
C ILE B 246 5.49 -0.75 -6.11
N PRO B 247 6.15 -1.89 -5.93
CA PRO B 247 6.75 -2.66 -7.04
C PRO B 247 5.73 -3.43 -7.91
N VAL B 248 4.84 -2.67 -8.54
CA VAL B 248 3.91 -3.18 -9.54
C VAL B 248 4.12 -2.40 -10.84
N LEU B 249 4.10 -3.09 -11.97
CA LEU B 249 4.31 -2.45 -13.26
C LEU B 249 3.04 -1.74 -13.75
N SER B 250 1.90 -2.41 -13.61
CA SER B 250 0.63 -1.94 -14.12
C SER B 250 -0.50 -2.34 -13.16
N ALA B 251 -1.42 -1.39 -12.92
CA ALA B 251 -2.62 -1.51 -12.11
C ALA B 251 -2.46 -0.85 -10.73
N HIS B 252 -3.14 0.29 -10.55
CA HIS B 252 -3.24 0.96 -9.26
C HIS B 252 -4.31 0.31 -8.38
N SER B 253 -4.02 0.20 -7.09
CA SER B 253 -4.99 -0.23 -6.08
C SER B 253 -5.16 0.89 -5.05
N GLU B 254 -6.33 1.00 -4.46
CA GLU B 254 -6.59 2.08 -3.51
C GLU B 254 -7.39 1.57 -2.33
N SER B 255 -6.90 1.84 -1.13
CA SER B 255 -7.70 1.65 0.09
C SER B 255 -8.51 2.93 0.36
N VAL B 256 -9.83 2.85 0.23
CA VAL B 256 -10.69 4.01 0.25
C VAL B 256 -11.64 3.99 1.42
N TYR B 257 -11.60 5.09 2.16
CA TYR B 257 -12.54 5.34 3.25
C TYR B 257 -13.36 6.54 2.87
N ILE B 258 -14.65 6.44 3.12
CA ILE B 258 -15.57 7.52 2.87
C ILE B 258 -16.51 7.65 4.05
N GLU B 259 -17.02 8.85 4.26
CA GLU B 259 -18.19 9.03 5.08
C GLU B 259 -19.26 9.64 4.19
N THR B 260 -20.46 9.05 4.21
CA THR B 260 -21.59 9.52 3.42
C THR B 260 -22.45 10.43 4.26
N LYS B 261 -23.40 11.10 3.60
CA LYS B 261 -24.27 12.05 4.27
C LYS B 261 -25.44 11.33 4.95
N GLU B 262 -25.96 10.26 4.34
CA GLU B 262 -26.99 9.40 4.96
C GLU B 262 -26.40 8.00 5.10
N VAL B 263 -26.91 7.22 6.05
CA VAL B 263 -26.45 5.85 6.24
C VAL B 263 -26.70 5.06 4.95
N ALA B 264 -25.69 4.30 4.53
CA ALA B 264 -25.78 3.53 3.31
C ALA B 264 -25.61 2.05 3.64
N PRO B 265 -26.72 1.31 3.74
CA PRO B 265 -26.64 -0.12 3.98
C PRO B 265 -25.66 -0.76 3.00
N ILE B 266 -24.69 -1.51 3.51
CA ILE B 266 -23.62 -2.06 2.68
C ILE B 266 -24.14 -2.94 1.55
N GLU B 267 -25.22 -3.68 1.79
CA GLU B 267 -25.78 -4.54 0.75
C GLU B 267 -26.38 -3.72 -0.38
N GLU B 268 -26.91 -2.54 -0.07
CA GLU B 268 -27.35 -1.60 -1.10
C GLU B 268 -26.17 -0.93 -1.82
N VAL B 269 -25.08 -0.64 -1.11
CA VAL B 269 -23.90 0.02 -1.73
C VAL B 269 -23.30 -0.94 -2.75
N LYS B 270 -23.12 -2.19 -2.35
CA LYS B 270 -22.64 -3.25 -3.26
C LYS B 270 -23.46 -3.29 -4.54
N ALA B 271 -24.78 -3.35 -4.38
CA ALA B 271 -25.73 -3.35 -5.50
C ALA B 271 -25.60 -2.13 -6.41
N ALA B 272 -25.46 -0.95 -5.81
CA ALA B 272 -25.41 0.31 -6.54
C ALA B 272 -24.10 0.42 -7.34
N ILE B 273 -23.01 -0.10 -6.77
CA ILE B 273 -21.73 -0.17 -7.47
C ILE B 273 -21.80 -1.17 -8.64
N ALA B 274 -22.52 -2.27 -8.46
CA ALA B 274 -22.66 -3.31 -9.50
C ALA B 274 -23.43 -2.76 -10.70
N ALA B 275 -24.41 -1.90 -10.43
CA ALA B 275 -25.29 -1.32 -11.44
C ALA B 275 -24.68 -0.14 -12.18
N PHE B 276 -23.52 0.32 -11.73
CA PHE B 276 -22.90 1.52 -12.30
C PHE B 276 -22.02 1.16 -13.49
N PRO B 277 -22.22 1.82 -14.62
CA PRO B 277 -21.42 1.52 -15.82
C PRO B 277 -19.95 1.75 -15.54
N GLY B 278 -19.12 0.76 -15.84
CA GLY B 278 -17.68 0.88 -15.75
C GLY B 278 -17.11 0.45 -14.41
N ALA B 279 -18.00 0.10 -13.48
CA ALA B 279 -17.65 -0.47 -12.18
C ALA B 279 -18.14 -1.92 -12.14
N VAL B 280 -17.27 -2.82 -11.71
CA VAL B 280 -17.60 -4.23 -11.52
C VAL B 280 -17.40 -4.52 -10.03
N LEU B 281 -18.42 -5.09 -9.39
CA LEU B 281 -18.33 -5.59 -8.02
C LEU B 281 -17.64 -6.96 -8.00
N GLU B 282 -16.48 -7.01 -7.35
CA GLU B 282 -15.78 -8.25 -7.05
C GLU B 282 -15.70 -8.37 -5.53
N ASP B 283 -16.75 -8.92 -4.92
CA ASP B 283 -16.84 -8.96 -3.48
C ASP B 283 -17.58 -10.19 -2.99
N ASP B 284 -16.80 -11.19 -2.60
CA ASP B 284 -17.32 -12.44 -2.05
C ASP B 284 -16.24 -13.04 -1.16
N VAL B 285 -16.12 -12.49 0.04
CA VAL B 285 -15.04 -12.86 0.96
C VAL B 285 -15.09 -14.34 1.37
N ALA B 286 -16.28 -14.92 1.41
CA ALA B 286 -16.43 -16.34 1.70
C ALA B 286 -15.62 -17.22 0.75
N HIS B 287 -15.39 -16.72 -0.46
CA HIS B 287 -14.53 -17.38 -1.43
C HIS B 287 -13.29 -16.53 -1.82
N GLN B 288 -12.90 -15.62 -0.93
CA GLN B 288 -11.69 -14.79 -1.08
C GLN B 288 -11.65 -13.99 -2.39
N ILE B 289 -12.80 -13.44 -2.76
CA ILE B 289 -12.94 -12.69 -3.99
C ILE B 289 -12.80 -11.19 -3.68
N TYR B 290 -11.81 -10.56 -4.30
CA TYR B 290 -11.62 -9.13 -4.17
C TYR B 290 -10.76 -8.65 -5.34
N PRO B 291 -10.82 -7.37 -5.66
CA PRO B 291 -9.95 -6.83 -6.73
C PRO B 291 -8.46 -7.11 -6.47
N GLN B 292 -7.75 -7.39 -7.55
CA GLN B 292 -6.30 -7.59 -7.51
C GLN B 292 -5.71 -6.96 -8.75
N ALA B 293 -4.60 -6.27 -8.57
CA ALA B 293 -3.92 -5.58 -9.67
C ALA B 293 -3.67 -6.52 -10.85
N ILE B 294 -3.06 -7.67 -10.59
CA ILE B 294 -2.69 -8.61 -11.66
C ILE B 294 -3.89 -9.08 -12.50
N ASN B 295 -5.07 -9.15 -11.91
CA ASN B 295 -6.28 -9.53 -12.65
C ASN B 295 -6.90 -8.36 -13.40
N ALA B 296 -6.67 -7.15 -12.93
CA ALA B 296 -7.25 -5.96 -13.51
C ALA B 296 -6.56 -5.56 -14.83
N VAL B 297 -5.30 -5.95 -14.98
CA VAL B 297 -4.51 -5.58 -16.15
C VAL B 297 -5.20 -6.02 -17.45
N GLY B 298 -5.35 -5.08 -18.38
CA GLY B 298 -5.93 -5.35 -19.68
C GLY B 298 -7.43 -5.17 -19.75
N SER B 299 -8.07 -4.85 -18.62
CA SER B 299 -9.50 -4.55 -18.58
C SER B 299 -9.73 -3.05 -18.47
N ARG B 300 -10.79 -2.59 -19.11
CA ARG B 300 -11.22 -1.20 -19.06
C ARG B 300 -12.01 -0.94 -17.78
N ASP B 301 -12.50 -2.00 -17.16
CA ASP B 301 -13.32 -1.88 -15.97
C ASP B 301 -12.55 -1.46 -14.73
N THR B 302 -13.32 -1.07 -13.72
CA THR B 302 -12.81 -0.65 -12.43
C THR B 302 -13.44 -1.57 -11.39
N PHE B 303 -12.60 -2.24 -10.61
CA PHE B 303 -13.05 -3.35 -9.77
C PHE B 303 -13.04 -2.94 -8.33
N VAL B 304 -14.11 -3.32 -7.62
CA VAL B 304 -14.39 -2.83 -6.27
C VAL B 304 -14.81 -3.96 -5.36
N GLY B 305 -14.11 -4.11 -4.24
CA GLY B 305 -14.46 -5.08 -3.21
C GLY B 305 -14.07 -4.65 -1.81
N ARG B 306 -13.78 -5.62 -0.95
CA ARG B 306 -13.64 -5.40 0.49
C ARG B 306 -14.61 -4.34 1.04
N ILE B 307 -15.81 -4.24 0.49
CA ILE B 307 -16.75 -3.22 0.93
C ILE B 307 -17.29 -3.60 2.31
N ARG B 308 -17.18 -2.69 3.28
CA ARG B 308 -17.58 -2.92 4.67
C ARG B 308 -17.69 -1.63 5.46
N LYS B 309 -18.64 -1.60 6.38
CA LYS B 309 -18.84 -0.45 7.22
C LYS B 309 -17.70 -0.32 8.23
N ASP B 310 -17.42 0.94 8.59
CA ASP B 310 -16.43 1.25 9.61
C ASP B 310 -16.90 0.65 10.91
N LEU B 311 -15.97 0.30 11.78
CA LEU B 311 -16.29 -0.34 13.04
C LEU B 311 -16.96 0.56 14.07
N ASP B 312 -16.88 1.88 13.88
CA ASP B 312 -17.42 2.84 14.87
C ASP B 312 -18.25 3.97 14.22
N ALA B 313 -17.72 4.56 13.15
CA ALA B 313 -18.41 5.63 12.46
C ALA B 313 -19.61 5.11 11.68
N GLU B 314 -20.81 5.55 12.05
CA GLU B 314 -22.07 5.01 11.48
C GLU B 314 -22.21 5.21 9.95
N LYS B 315 -21.59 6.26 9.41
CA LYS B 315 -21.70 6.58 7.99
C LYS B 315 -20.41 6.25 7.24
N GLY B 316 -19.42 5.73 7.97
CA GLY B 316 -18.16 5.38 7.38
C GLY B 316 -18.20 4.05 6.68
N ILE B 317 -17.44 3.94 5.59
CA ILE B 317 -17.35 2.74 4.76
C ILE B 317 -15.94 2.62 4.19
N HIS B 318 -15.39 1.41 4.22
CA HIS B 318 -14.09 1.12 3.62
C HIS B 318 -14.28 0.30 2.35
N MET B 319 -13.33 0.42 1.41
CA MET B 319 -13.32 -0.41 0.21
C MET B 319 -11.97 -0.46 -0.47
N TRP B 320 -11.85 -1.37 -1.42
CA TRP B 320 -10.63 -1.62 -2.16
C TRP B 320 -10.95 -1.47 -3.64
N VAL B 321 -10.19 -0.62 -4.34
CA VAL B 321 -10.52 -0.23 -5.70
C VAL B 321 -9.29 -0.39 -6.57
N VAL B 322 -9.43 -1.10 -7.69
CA VAL B 322 -8.31 -1.43 -8.57
C VAL B 322 -8.68 -1.21 -10.02
N SER B 323 -7.75 -0.66 -10.79
CA SER B 323 -7.92 -0.53 -12.22
C SER B 323 -6.56 -0.43 -12.91
N ASP B 324 -6.51 -0.81 -14.18
CA ASP B 324 -5.31 -0.68 -15.02
C ASP B 324 -5.08 0.80 -15.21
N ASN B 325 -3.92 1.26 -14.73
CA ASN B 325 -3.64 2.68 -14.69
C ASN B 325 -3.43 3.33 -16.04
N LEU B 326 -2.97 2.55 -17.02
CA LEU B 326 -2.75 3.02 -18.39
C LEU B 326 -3.98 2.80 -19.28
N LEU B 327 -5.00 2.09 -18.78
CA LEU B 327 -6.27 1.94 -19.49
C LEU B 327 -7.32 2.92 -18.94
N LYS B 328 -8.21 2.50 -18.03
CA LYS B 328 -9.21 3.43 -17.50
C LYS B 328 -8.58 4.66 -16.86
N GLY B 329 -7.35 4.52 -16.38
CA GLY B 329 -6.63 5.62 -15.74
C GLY B 329 -5.92 6.54 -16.72
N ALA B 330 -5.91 6.22 -18.00
CA ALA B 330 -5.28 7.09 -18.98
C ALA B 330 -5.89 6.93 -20.38
N ALA B 331 -5.42 5.92 -21.12
CA ALA B 331 -5.70 5.78 -22.54
C ALA B 331 -7.15 5.39 -22.87
N TRP B 332 -7.75 4.46 -22.14
CA TRP B 332 -9.18 4.16 -22.35
C TRP B 332 -10.05 5.38 -21.95
N ASN B 333 -9.76 6.03 -20.83
CA ASN B 333 -10.55 7.21 -20.47
C ASN B 333 -10.48 8.21 -21.61
N SER B 334 -9.29 8.44 -22.15
CA SER B 334 -9.09 9.37 -23.26
C SER B 334 -9.87 8.98 -24.55
N VAL B 335 -9.81 7.71 -24.93
CA VAL B 335 -10.53 7.23 -26.09
C VAL B 335 -12.04 7.21 -25.83
N GLN B 336 -12.45 6.89 -24.60
CA GLN B 336 -13.86 6.92 -24.21
C GLN B 336 -14.41 8.37 -24.24
N ILE B 337 -13.56 9.35 -23.92
CA ILE B 337 -13.93 10.75 -24.06
C ILE B 337 -14.15 11.03 -25.56
N ALA B 338 -13.22 10.59 -26.40
CA ALA B 338 -13.33 10.86 -27.83
C ALA B 338 -14.58 10.24 -28.44
N GLU B 339 -14.91 9.02 -28.00
CA GLU B 339 -16.10 8.32 -28.48
C GLU B 339 -17.35 9.06 -28.04
N THR B 340 -17.32 9.59 -26.82
CA THR B 340 -18.46 10.33 -26.28
C THR B 340 -18.64 11.63 -27.04
N LEU B 341 -17.53 12.28 -27.41
CA LEU B 341 -17.57 13.52 -28.19
C LEU B 341 -18.22 13.26 -29.55
N HIS B 342 -17.87 12.14 -30.18
CA HIS B 342 -18.44 11.78 -31.48
C HIS B 342 -19.94 11.50 -31.32
N GLU B 343 -20.31 10.74 -30.29
CA GLU B 343 -21.71 10.47 -29.93
C GLU B 343 -22.59 11.71 -29.86
N ARG B 344 -22.05 12.78 -29.27
CA ARG B 344 -22.78 14.02 -29.02
C ARG B 344 -22.52 15.10 -30.07
N GLY B 345 -21.91 14.74 -31.19
CA GLY B 345 -21.62 15.70 -32.24
C GLY B 345 -20.76 16.88 -31.79
N LEU B 346 -19.81 16.62 -30.89
CA LEU B 346 -18.96 17.66 -30.30
C LEU B 346 -17.54 17.72 -30.88
N VAL B 347 -17.24 16.88 -31.86
CA VAL B 347 -15.95 16.89 -32.55
C VAL B 347 -16.05 17.91 -33.67
N ARG B 348 -15.72 19.16 -33.35
CA ARG B 348 -15.69 20.22 -34.34
C ARG B 348 -14.81 21.39 -33.88
N PRO B 349 -14.35 22.21 -34.82
CA PRO B 349 -13.48 23.34 -34.48
C PRO B 349 -14.11 24.30 -33.49
N THR B 350 -13.28 24.86 -32.61
CA THR B 350 -13.67 25.92 -31.70
C THR B 350 -13.31 27.26 -32.32
N ALA B 351 -14.26 28.18 -32.32
CA ALA B 351 -14.05 29.48 -32.95
C ALA B 351 -13.16 30.38 -32.08
N GLU B 352 -13.57 30.57 -30.83
CA GLU B 352 -12.87 31.47 -29.89
C GLU B 352 -11.71 30.74 -29.21
N LEU B 353 -10.50 31.29 -29.35
CA LEU B 353 -9.32 30.73 -28.70
C LEU B 353 -9.20 31.23 -27.26
N LYS B 354 -9.16 30.30 -26.31
CA LYS B 354 -9.19 30.61 -24.88
C LYS B 354 -7.91 30.19 -24.17
N PHE B 355 -6.91 29.74 -24.94
CA PHE B 355 -5.68 29.24 -24.38
C PHE B 355 -4.48 29.95 -24.96
N GLU B 356 -3.52 30.29 -24.10
CA GLU B 356 -2.35 31.07 -24.49
C GLU B 356 -1.42 30.28 -25.41
N LEU B 357 -0.87 30.97 -26.41
CA LEU B 357 0.11 30.41 -27.30
C LEU B 357 1.49 30.71 -26.74
N LYS B 358 2.29 29.66 -26.50
CA LYS B 358 3.59 29.84 -25.84
C LYS B 358 4.74 30.10 -26.83
#